data_4HWS
#
_entry.id   4HWS
#
_cell.length_a   86.181
_cell.length_b   110.327
_cell.length_c   114.866
_cell.angle_alpha   90.000
_cell.angle_beta   90.000
_cell.angle_gamma   90.000
#
_symmetry.space_group_name_H-M   'P 21 21 21'
#
loop_
_entity.id
_entity.type
_entity.pdbx_description
1 polymer 'Threonine--tRNA ligase'
2 non-polymer 'ZINC ION'
3 non-polymer N-{[3-(4-amino-2-chloroquinazolin-7-yl)phenyl]sulfonyl}-L-threoninamide
4 water water
#
_entity_poly.entity_id   1
_entity_poly.type   'polypeptide(L)'
_entity_poly.pdbx_seq_one_letter_code
;MARDHRKIGKQLDLYHMQEEAPGMVFWHNDGWTIFRELEVFVRSKLKEYQYQEVKGPFMMDRVLWEKTGHWDNYKDAMFT
TSSENREYCIKPMNCPGHVQIFNQGLKSYRDLPLRMAEFGSCHRNEPSGSLHGLMRVRGFTQDDAHIFCTEEQIRDEVNG
CIRLVYDMYSTFGFEKIVVKLSTRPEKRIGSDEMWDRAEADLAVALEENNIPFEYQLGEGAFYGPKIEFTLYDCLDRAWQ
CGTVQLDFSLPSRLSASYVGEDNERKVPVMIHRAILGSMERFIGILTEEFAGFFPTWLAPVQVVIMNITDSQSEYVNELT
QKLSNAGIRVKADLRNEKIGFKIREHTLRRVPYMLVCGDKEVESGKVAVRTRRGKDLGSMDVNEVIEKLQQEIRSRSLKQ
LEELEHHHHHH
;
_entity_poly.pdbx_strand_id   A,B
#
# COMPACT_ATOMS: atom_id res chain seq x y z
N ARG A 3 -3.76 -5.15 -28.79
CA ARG A 3 -2.65 -6.07 -28.42
C ARG A 3 -2.79 -6.44 -26.94
N ASP A 4 -2.39 -7.66 -26.65
CA ASP A 4 -2.62 -8.27 -25.36
C ASP A 4 -1.81 -7.57 -24.24
N HIS A 5 -2.40 -7.37 -23.06
CA HIS A 5 -1.66 -6.71 -21.96
C HIS A 5 -0.46 -7.53 -21.53
N ARG A 6 -0.46 -8.84 -21.78
CA ARG A 6 0.67 -9.67 -21.31
C ARG A 6 1.91 -9.34 -22.12
N LYS A 7 1.70 -9.10 -23.42
CA LYS A 7 2.80 -8.66 -24.31
C LYS A 7 3.27 -7.26 -23.93
N ILE A 8 2.32 -6.37 -23.64
CA ILE A 8 2.70 -5.00 -23.32
C ILE A 8 3.41 -4.97 -21.97
N GLY A 9 2.91 -5.79 -21.03
CA GLY A 9 3.52 -5.93 -19.70
C GLY A 9 4.96 -6.35 -19.80
N LYS A 10 5.29 -7.29 -20.69
CA LYS A 10 6.71 -7.62 -20.89
C LYS A 10 7.48 -6.45 -21.52
N GLN A 11 6.89 -5.83 -22.54
CA GLN A 11 7.57 -4.73 -23.27
C GLN A 11 7.92 -3.57 -22.32
N LEU A 12 7.09 -3.33 -21.32
CA LEU A 12 7.30 -2.20 -20.40
C LEU A 12 7.87 -2.65 -19.06
N ASP A 13 8.23 -3.93 -18.98
CA ASP A 13 8.83 -4.49 -17.75
C ASP A 13 7.95 -4.23 -16.53
N LEU A 14 6.64 -4.51 -16.66
CA LEU A 14 5.74 -4.17 -15.55
C LEU A 14 5.72 -5.24 -14.49
N TYR A 15 5.69 -6.48 -14.93
CA TYR A 15 5.46 -7.64 -14.03
C TYR A 15 5.90 -8.90 -14.74
N HIS A 16 6.01 -9.98 -13.98
CA HIS A 16 6.08 -11.30 -14.60
C HIS A 16 5.39 -12.31 -13.75
N MET A 17 5.18 -13.49 -14.32
CA MET A 17 4.64 -14.59 -13.57
C MET A 17 5.56 -15.82 -13.79
N GLN A 18 5.55 -16.72 -12.83
CA GLN A 18 6.27 -17.97 -13.05
C GLN A 18 5.48 -19.17 -12.61
N GLU A 19 5.86 -20.34 -13.13
CA GLU A 19 5.24 -21.61 -12.68
C GLU A 19 5.42 -21.97 -11.18
N GLU A 20 6.46 -21.44 -10.52
CA GLU A 20 6.62 -21.61 -9.06
C GLU A 20 5.47 -20.96 -8.26
N ALA A 21 4.70 -20.05 -8.88
CA ALA A 21 3.67 -19.32 -8.14
C ALA A 21 2.50 -18.98 -9.10
N PRO A 22 1.76 -20.00 -9.54
CA PRO A 22 0.72 -19.77 -10.55
C PRO A 22 -0.35 -18.74 -10.07
N GLY A 23 -0.66 -17.78 -10.95
CA GLY A 23 -1.57 -16.67 -10.60
C GLY A 23 -1.14 -15.75 -9.48
N MET A 24 0.15 -15.73 -9.18
CA MET A 24 0.69 -14.80 -8.16
C MET A 24 1.59 -13.83 -8.91
N VAL A 25 1.29 -12.54 -8.86
CA VAL A 25 2.03 -11.60 -9.69
C VAL A 25 3.35 -11.18 -9.06
N PHE A 26 4.42 -11.14 -9.86
CA PHE A 26 5.64 -10.46 -9.43
C PHE A 26 5.57 -9.06 -10.02
N TRP A 27 5.35 -8.05 -9.18
CA TRP A 27 5.32 -6.66 -9.71
C TRP A 27 6.71 -6.10 -9.74
N HIS A 28 7.18 -5.78 -10.93
CA HIS A 28 8.46 -5.10 -11.04
C HIS A 28 8.29 -3.64 -10.69
N ASN A 29 9.41 -2.93 -10.57
CA ASN A 29 9.32 -1.53 -10.18
C ASN A 29 8.28 -0.74 -10.99
N ASP A 30 8.35 -0.84 -12.32
CA ASP A 30 7.50 0.03 -13.14
C ASP A 30 6.03 -0.36 -13.07
N GLY A 31 5.73 -1.65 -12.95
CA GLY A 31 4.33 -2.07 -12.79
C GLY A 31 3.82 -1.63 -11.42
N TRP A 32 4.68 -1.76 -10.41
CA TRP A 32 4.28 -1.37 -9.05
C TRP A 32 4.05 0.12 -8.93
N THR A 33 4.79 0.90 -9.71
CA THR A 33 4.54 2.35 -9.80
C THR A 33 3.08 2.65 -10.22
N ILE A 34 2.58 1.94 -11.22
CA ILE A 34 1.20 2.15 -11.69
C ILE A 34 0.20 1.74 -10.60
N PHE A 35 0.44 0.56 -10.02
CA PHE A 35 -0.38 0.04 -8.89
C PHE A 35 -0.43 1.10 -7.78
N ARG A 36 0.72 1.63 -7.38
CA ARG A 36 0.72 2.61 -6.29
C ARG A 36 0.01 3.91 -6.65
N GLU A 37 0.16 4.36 -7.88
CA GLU A 37 -0.56 5.56 -8.31
C GLU A 37 -2.06 5.35 -8.31
N LEU A 38 -2.49 4.16 -8.72
CA LEU A 38 -3.93 3.87 -8.62
C LEU A 38 -4.37 3.88 -7.17
N GLU A 39 -3.55 3.36 -6.25
CA GLU A 39 -3.94 3.42 -4.83
C GLU A 39 -4.08 4.89 -4.39
N VAL A 40 -3.13 5.74 -4.77
CA VAL A 40 -3.19 7.15 -4.38
C VAL A 40 -4.51 7.77 -4.92
N PHE A 41 -4.83 7.43 -6.17
CA PHE A 41 -6.06 7.95 -6.79
C PHE A 41 -7.30 7.48 -6.01
N VAL A 42 -7.39 6.18 -5.72
CA VAL A 42 -8.52 5.68 -4.93
C VAL A 42 -8.55 6.37 -3.58
N ARG A 43 -7.41 6.46 -2.90
CA ARG A 43 -7.41 7.18 -1.60
C ARG A 43 -7.92 8.61 -1.68
N SER A 44 -7.64 9.34 -2.77
CA SER A 44 -8.15 10.70 -2.88
C SER A 44 -9.67 10.72 -2.89
N LYS A 45 -10.25 9.69 -3.52
CA LYS A 45 -11.71 9.48 -3.51
C LYS A 45 -12.27 8.96 -2.19
N LEU A 46 -11.56 8.07 -1.51
CA LEU A 46 -11.97 7.64 -0.15
C LEU A 46 -12.07 8.85 0.77
N LYS A 47 -11.09 9.75 0.69
CA LYS A 47 -11.12 10.97 1.49
C LYS A 47 -12.36 11.81 1.16
N GLU A 48 -12.59 12.03 -0.13
CA GLU A 48 -13.62 12.95 -0.55
C GLU A 48 -14.99 12.40 -0.18
N TYR A 49 -15.17 11.09 -0.37
CA TYR A 49 -16.44 10.39 -0.09
C TYR A 49 -16.58 9.87 1.35
N GLN A 50 -15.64 10.25 2.22
CA GLN A 50 -15.69 10.04 3.67
C GLN A 50 -15.68 8.57 4.11
N TYR A 51 -14.67 7.84 3.65
CA TYR A 51 -14.47 6.45 4.04
C TYR A 51 -13.34 6.33 5.05
N GLN A 52 -13.51 5.41 6.00
CA GLN A 52 -12.36 4.93 6.79
C GLN A 52 -11.50 4.06 5.88
N GLU A 53 -10.25 3.87 6.23
CA GLU A 53 -9.45 2.84 5.56
C GLU A 53 -8.78 1.96 6.63
N VAL A 54 -9.01 0.65 6.48
CA VAL A 54 -8.54 -0.34 7.47
C VAL A 54 -7.69 -1.39 6.80
N LYS A 55 -7.20 -2.33 7.60
CA LYS A 55 -6.56 -3.53 7.04
C LYS A 55 -6.89 -4.69 7.96
N GLY A 56 -7.42 -5.73 7.35
CA GLY A 56 -7.78 -6.96 8.05
C GLY A 56 -6.68 -7.97 7.74
N PRO A 57 -6.55 -8.98 8.59
CA PRO A 57 -5.46 -9.92 8.39
C PRO A 57 -5.72 -10.92 7.25
N PHE A 58 -4.65 -11.54 6.76
CA PHE A 58 -4.71 -12.50 5.66
C PHE A 58 -5.49 -13.73 6.07
N MET A 59 -5.34 -14.16 7.31
CA MET A 59 -6.06 -15.37 7.65
C MET A 59 -6.85 -15.30 8.93
N MET A 60 -7.88 -16.13 8.98
CA MET A 60 -8.78 -16.26 10.13
C MET A 60 -9.27 -17.70 10.27
N ASP A 61 -9.71 -18.08 11.47
CA ASP A 61 -10.12 -19.47 11.76
C ASP A 61 -11.19 -19.94 10.78
N ARG A 62 -11.09 -21.19 10.33
CA ARG A 62 -12.13 -21.79 9.49
C ARG A 62 -13.52 -21.69 10.17
N VAL A 63 -13.55 -21.70 11.50
CA VAL A 63 -14.83 -21.62 12.24
C VAL A 63 -15.62 -20.36 11.84
N LEU A 64 -14.92 -19.25 11.71
CA LEU A 64 -15.52 -17.98 11.30
C LEU A 64 -16.07 -18.05 9.87
N TRP A 65 -15.29 -18.61 8.95
CA TRP A 65 -15.75 -18.82 7.58
C TRP A 65 -16.91 -19.77 7.47
N GLU A 66 -17.04 -20.72 8.39
CA GLU A 66 -18.21 -21.58 8.38
C GLU A 66 -19.46 -20.78 8.84
N LYS A 67 -19.30 -19.88 9.79
CA LYS A 67 -20.42 -19.10 10.28
C LYS A 67 -21.06 -18.24 9.17
N THR A 68 -20.24 -17.72 8.26
CA THR A 68 -20.74 -16.78 7.24
C THR A 68 -21.57 -17.44 6.16
N GLY A 69 -21.43 -18.76 5.99
CA GLY A 69 -21.90 -19.44 4.80
C GLY A 69 -20.84 -19.62 3.70
N HIS A 70 -19.65 -19.02 3.87
CA HIS A 70 -18.55 -19.19 2.89
C HIS A 70 -18.08 -20.60 2.70
N TRP A 71 -17.90 -21.32 3.81
CA TRP A 71 -17.44 -22.70 3.72
C TRP A 71 -18.34 -23.56 2.87
N ASP A 72 -19.66 -23.49 3.11
CA ASP A 72 -20.61 -24.26 2.30
C ASP A 72 -20.63 -23.81 0.83
N ASN A 73 -20.64 -22.50 0.63
CA ASN A 73 -20.95 -21.89 -0.67
C ASN A 73 -19.73 -21.36 -1.43
N TYR A 74 -18.54 -21.69 -0.94
CA TYR A 74 -17.32 -21.05 -1.42
C TYR A 74 -16.07 -21.89 -1.13
N LYS A 75 -16.28 -23.14 -0.69
CA LYS A 75 -15.22 -24.07 -0.26
C LYS A 75 -14.07 -24.27 -1.25
N ASP A 76 -14.43 -24.59 -2.49
CA ASP A 76 -13.47 -24.93 -3.57
C ASP A 76 -12.44 -23.83 -3.86
N ALA A 77 -12.84 -22.59 -3.64
CA ALA A 77 -12.00 -21.46 -3.95
C ALA A 77 -11.07 -21.08 -2.82
N MET A 78 -11.24 -21.64 -1.63
CA MET A 78 -10.44 -21.17 -0.47
C MET A 78 -9.15 -21.93 -0.27
N PHE A 79 -8.06 -21.20 -0.07
CA PHE A 79 -6.82 -21.76 0.38
C PHE A 79 -6.88 -21.93 1.89
N THR A 80 -6.47 -23.09 2.40
CA THR A 80 -6.43 -23.27 3.85
C THR A 80 -5.02 -23.60 4.32
N THR A 81 -4.75 -23.33 5.58
CA THR A 81 -3.46 -23.63 6.19
C THR A 81 -3.74 -23.88 7.65
N SER A 82 -2.78 -24.39 8.39
CA SER A 82 -3.05 -24.69 9.78
C SER A 82 -1.87 -24.35 10.69
N SER A 83 -2.14 -24.22 11.99
CA SER A 83 -1.13 -23.98 13.00
C SER A 83 -1.70 -24.56 14.29
N GLU A 84 -0.87 -25.34 14.98
CA GLU A 84 -1.20 -25.92 16.30
C GLU A 84 -2.62 -26.52 16.29
N ASN A 85 -2.88 -27.36 15.30
CA ASN A 85 -4.16 -28.12 15.17
C ASN A 85 -5.43 -27.31 14.92
N ARG A 86 -5.24 -26.07 14.46
CA ARG A 86 -6.35 -25.22 14.04
C ARG A 86 -6.20 -24.91 12.57
N GLU A 87 -7.35 -24.89 11.87
CA GLU A 87 -7.38 -24.66 10.45
C GLU A 87 -7.78 -23.20 10.20
N TYR A 88 -7.05 -22.55 9.29
CA TYR A 88 -7.25 -21.15 8.93
C TYR A 88 -7.59 -21.06 7.45
N CYS A 89 -8.36 -20.04 7.08
CA CYS A 89 -8.63 -19.83 5.67
C CYS A 89 -7.87 -18.58 5.32
N ILE A 90 -7.18 -18.59 4.17
CA ILE A 90 -6.60 -17.35 3.69
C ILE A 90 -7.78 -16.61 3.04
N LYS A 91 -7.98 -15.32 3.37
CA LYS A 91 -9.27 -14.69 3.05
C LYS A 91 -9.46 -14.56 1.54
N PRO A 92 -10.65 -14.97 1.03
CA PRO A 92 -11.10 -14.75 -0.37
C PRO A 92 -11.91 -13.47 -0.52
N MET A 93 -12.30 -12.88 0.61
CA MET A 93 -13.07 -11.62 0.66
C MET A 93 -12.73 -10.91 1.94
N ASN A 94 -13.02 -9.60 1.99
CA ASN A 94 -12.64 -8.79 3.15
C ASN A 94 -13.76 -8.50 4.12
N CYS A 95 -14.97 -8.86 3.71
CA CYS A 95 -16.18 -8.52 4.51
C CYS A 95 -16.18 -9.05 5.94
N PRO A 96 -15.86 -10.34 6.13
CA PRO A 96 -15.91 -10.82 7.49
C PRO A 96 -14.92 -10.10 8.41
N GLY A 97 -13.70 -9.80 7.93
CA GLY A 97 -12.79 -8.99 8.73
C GLY A 97 -13.32 -7.59 9.07
N HIS A 98 -13.99 -6.94 8.11
CA HIS A 98 -14.62 -5.62 8.36
C HIS A 98 -15.67 -5.71 9.43
N VAL A 99 -16.44 -6.79 9.41
CA VAL A 99 -17.47 -7.01 10.46
C VAL A 99 -16.79 -7.23 11.83
N GLN A 100 -15.68 -7.95 11.84
CA GLN A 100 -14.96 -8.10 13.12
C GLN A 100 -14.51 -6.76 13.66
N ILE A 101 -14.07 -5.85 12.78
CA ILE A 101 -13.68 -4.50 13.21
C ILE A 101 -14.90 -3.74 13.73
N PHE A 102 -15.99 -3.84 12.99
CA PHE A 102 -17.24 -3.18 13.40
C PHE A 102 -17.66 -3.66 14.79
N ASN A 103 -17.49 -4.96 15.03
CA ASN A 103 -17.93 -5.62 16.30
C ASN A 103 -17.09 -5.23 17.52
N GLN A 104 -15.97 -4.55 17.32
CA GLN A 104 -15.18 -4.03 18.45
C GLN A 104 -15.77 -2.72 18.91
N GLY A 105 -16.19 -2.65 20.16
CA GLY A 105 -16.82 -1.43 20.68
C GLY A 105 -18.28 -1.29 20.30
N LEU A 106 -19.08 -0.84 21.26
CA LEU A 106 -20.50 -0.64 21.07
C LEU A 106 -20.73 0.37 19.94
N LYS A 107 -21.61 0.04 19.01
CA LYS A 107 -21.97 1.01 17.96
C LYS A 107 -23.37 1.54 18.20
N SER A 108 -23.59 2.78 17.78
CA SER A 108 -24.90 3.38 17.83
C SER A 108 -25.32 3.91 16.45
N TYR A 109 -26.62 4.18 16.30
CA TYR A 109 -27.14 4.78 15.06
C TYR A 109 -26.34 6.05 14.65
N ARG A 110 -25.73 6.71 15.64
CA ARG A 110 -24.93 7.93 15.40
C ARG A 110 -23.66 7.60 14.61
N ASP A 111 -23.20 6.36 14.71
CA ASP A 111 -22.02 5.89 13.95
C ASP A 111 -22.30 5.52 12.49
N LEU A 112 -23.57 5.56 12.10
CA LEU A 112 -23.97 5.12 10.75
C LEU A 112 -24.42 6.29 9.87
N PRO A 113 -24.10 6.24 8.56
CA PRO A 113 -23.41 5.12 7.86
C PRO A 113 -21.93 5.09 8.19
N LEU A 114 -21.39 3.90 8.35
CA LEU A 114 -19.99 3.74 8.64
C LEU A 114 -19.39 3.13 7.37
N ARG A 115 -18.53 3.91 6.68
CA ARG A 115 -17.97 3.44 5.41
C ARG A 115 -16.56 2.96 5.60
N MET A 116 -16.33 1.66 5.45
CA MET A 116 -15.04 1.05 5.82
C MET A 116 -14.36 0.45 4.57
N ALA A 117 -13.34 1.14 4.07
CA ALA A 117 -12.58 0.71 2.87
C ALA A 117 -11.32 -0.07 3.24
N GLU A 118 -10.86 -0.90 2.31
CA GLU A 118 -9.58 -1.60 2.45
C GLU A 118 -9.07 -1.91 1.06
N PHE A 119 -7.76 -1.78 0.86
CA PHE A 119 -7.16 -2.42 -0.33
C PHE A 119 -6.89 -3.86 0.08
N GLY A 120 -7.87 -4.69 -0.20
CA GLY A 120 -8.00 -5.98 0.47
C GLY A 120 -7.34 -7.08 -0.30
N SER A 121 -6.24 -7.66 0.22
CA SER A 121 -5.54 -8.72 -0.52
C SER A 121 -6.23 -10.04 -0.33
N CYS A 122 -6.78 -10.53 -1.42
CA CYS A 122 -7.56 -11.76 -1.44
C CYS A 122 -6.85 -12.87 -2.21
N HIS A 123 -7.12 -14.13 -1.82
CA HIS A 123 -6.67 -15.29 -2.59
C HIS A 123 -7.85 -16.17 -2.83
N ARG A 124 -7.99 -16.57 -4.09
CA ARG A 124 -9.06 -17.52 -4.47
C ARG A 124 -8.37 -18.56 -5.32
N ASN A 125 -8.65 -19.82 -5.03
CA ASN A 125 -7.99 -20.90 -5.73
C ASN A 125 -8.65 -21.15 -7.07
N GLU A 126 -8.54 -20.17 -7.97
CA GLU A 126 -9.15 -20.26 -9.31
C GLU A 126 -8.49 -21.44 -10.05
N PRO A 127 -9.30 -22.22 -10.77
CA PRO A 127 -8.72 -23.33 -11.55
C PRO A 127 -7.60 -22.84 -12.47
N SER A 128 -6.45 -23.53 -12.50
CA SER A 128 -5.28 -23.03 -13.27
C SER A 128 -5.62 -22.85 -14.76
N GLY A 129 -6.58 -23.63 -15.25
CA GLY A 129 -7.07 -23.48 -16.64
C GLY A 129 -7.77 -22.16 -16.92
N SER A 130 -8.21 -21.48 -15.87
CA SER A 130 -9.01 -20.28 -16.03
C SER A 130 -8.14 -19.01 -15.89
N LEU A 131 -6.90 -19.18 -15.46
CA LEU A 131 -6.00 -18.01 -15.27
C LEU A 131 -5.74 -17.31 -16.60
N HIS A 132 -5.66 -15.99 -16.55
CA HIS A 132 -5.37 -15.20 -17.73
C HIS A 132 -4.69 -13.90 -17.38
N GLY A 133 -3.36 -13.86 -17.55
CA GLY A 133 -2.59 -12.64 -17.33
C GLY A 133 -2.89 -11.98 -15.99
N LEU A 134 -3.12 -10.68 -16.07
CA LEU A 134 -3.50 -9.83 -14.91
C LEU A 134 -5.02 -9.84 -14.64
N MET A 135 -5.80 -10.40 -15.56
CA MET A 135 -7.29 -10.28 -15.50
C MET A 135 -7.91 -11.35 -14.65
N ARG A 136 -7.29 -12.53 -14.60
CA ARG A 136 -7.72 -13.60 -13.69
C ARG A 136 -6.48 -14.27 -13.11
N VAL A 137 -6.24 -13.94 -11.83
CA VAL A 137 -5.08 -14.40 -11.06
C VAL A 137 -5.61 -15.20 -9.84
N ARG A 138 -4.73 -15.57 -8.91
CA ARG A 138 -5.19 -16.21 -7.66
C ARG A 138 -5.03 -15.29 -6.48
N GLY A 139 -4.00 -14.43 -6.53
CA GLY A 139 -3.75 -13.42 -5.49
C GLY A 139 -4.02 -12.03 -6.08
N PHE A 140 -5.06 -11.38 -5.59
CA PHE A 140 -5.46 -10.07 -6.13
C PHE A 140 -5.88 -9.13 -5.02
N THR A 141 -5.96 -7.85 -5.36
CA THR A 141 -6.22 -6.80 -4.38
C THR A 141 -7.46 -6.07 -4.82
N GLN A 142 -8.52 -6.16 -3.99
CA GLN A 142 -9.74 -5.40 -4.30
C GLN A 142 -9.66 -3.99 -3.71
N ASP A 143 -10.20 -3.01 -4.42
CA ASP A 143 -10.42 -1.69 -3.84
C ASP A 143 -11.78 -1.78 -3.15
N ASP A 144 -11.80 -2.48 -2.01
CA ASP A 144 -13.04 -2.91 -1.37
C ASP A 144 -13.53 -1.89 -0.33
N ALA A 145 -14.82 -1.97 -0.05
CA ALA A 145 -15.36 -1.32 1.16
C ALA A 145 -16.67 -1.97 1.50
N HIS A 146 -17.01 -1.86 2.79
CA HIS A 146 -18.32 -2.19 3.30
C HIS A 146 -18.87 -1.02 4.02
N ILE A 147 -20.14 -0.73 3.72
CA ILE A 147 -20.83 0.38 4.35
C ILE A 147 -21.89 -0.24 5.24
N PHE A 148 -21.81 0.11 6.52
CA PHE A 148 -22.76 -0.37 7.52
C PHE A 148 -23.77 0.75 7.71
N CYS A 149 -25.06 0.47 7.51
CA CYS A 149 -26.05 1.55 7.48
C CYS A 149 -27.40 1.04 7.93
N THR A 150 -28.33 1.98 8.13
CA THR A 150 -29.69 1.60 8.50
C THR A 150 -30.49 1.35 7.21
N GLU A 151 -31.67 0.74 7.36
CA GLU A 151 -32.57 0.53 6.21
C GLU A 151 -32.89 1.85 5.50
N GLU A 152 -33.09 2.91 6.28
CA GLU A 152 -33.50 4.23 5.77
C GLU A 152 -32.34 4.85 4.96
N GLN A 153 -31.12 4.40 5.24
CA GLN A 153 -29.93 4.91 4.51
C GLN A 153 -29.54 4.15 3.22
N ILE A 154 -30.15 3.00 2.97
CA ILE A 154 -29.82 2.18 1.77
C ILE A 154 -29.80 3.01 0.49
N ARG A 155 -30.91 3.74 0.21
CA ARG A 155 -31.02 4.46 -1.05
C ARG A 155 -29.88 5.44 -1.23
N ASP A 156 -29.61 6.27 -0.23
CA ASP A 156 -28.53 7.27 -0.34
C ASP A 156 -27.15 6.60 -0.50
N GLU A 157 -26.93 5.50 0.23
CA GLU A 157 -25.60 4.88 0.23
C GLU A 157 -25.31 4.09 -1.02
N VAL A 158 -26.33 3.40 -1.55
CA VAL A 158 -26.23 2.73 -2.86
C VAL A 158 -26.01 3.82 -3.92
N ASN A 159 -26.80 4.88 -3.88
CA ASN A 159 -26.57 5.98 -4.81
C ASN A 159 -25.18 6.53 -4.72
N GLY A 160 -24.63 6.64 -3.51
CA GLY A 160 -23.26 7.15 -3.36
C GLY A 160 -22.22 6.26 -4.05
N CYS A 161 -22.43 4.94 -3.96
CA CYS A 161 -21.53 3.96 -4.58
C CYS A 161 -21.61 4.06 -6.10
N ILE A 162 -22.83 4.18 -6.61
CA ILE A 162 -23.05 4.31 -8.06
C ILE A 162 -22.38 5.60 -8.56
N ARG A 163 -22.57 6.71 -7.84
CA ARG A 163 -21.93 7.97 -8.23
C ARG A 163 -20.41 7.82 -8.27
N LEU A 164 -19.88 7.10 -7.30
CA LEU A 164 -18.42 6.95 -7.15
C LEU A 164 -17.86 6.15 -8.36
N VAL A 165 -18.63 5.16 -8.82
CA VAL A 165 -18.19 4.35 -10.01
C VAL A 165 -18.05 5.28 -11.23
N TYR A 166 -19.10 6.01 -11.58
CA TYR A 166 -19.00 6.92 -12.74
C TYR A 166 -17.97 8.01 -12.55
N ASP A 167 -17.81 8.52 -11.31
CA ASP A 167 -16.85 9.60 -11.05
C ASP A 167 -15.42 9.05 -11.33
N MET A 168 -15.08 7.92 -10.73
CA MET A 168 -13.74 7.35 -10.92
C MET A 168 -13.51 6.90 -12.38
N TYR A 169 -14.51 6.29 -13.00
CA TYR A 169 -14.32 5.77 -14.38
C TYR A 169 -14.16 6.95 -15.34
N SER A 170 -14.80 8.08 -15.03
CA SER A 170 -14.68 9.26 -15.92
C SER A 170 -13.22 9.73 -16.08
N THR A 171 -12.40 9.55 -15.04
CA THR A 171 -10.99 9.91 -15.10
C THR A 171 -10.27 9.20 -16.28
N PHE A 172 -10.75 7.99 -16.61
CA PHE A 172 -10.11 7.10 -17.61
C PHE A 172 -10.83 7.23 -18.95
N GLY A 173 -11.88 8.04 -18.97
CA GLY A 173 -12.70 8.26 -20.17
C GLY A 173 -13.72 7.14 -20.42
N PHE A 174 -14.04 6.36 -19.38
CA PHE A 174 -15.07 5.34 -19.50
C PHE A 174 -16.39 5.97 -19.02
N GLU A 175 -17.27 6.26 -19.98
CA GLU A 175 -18.55 6.91 -19.65
C GLU A 175 -19.78 6.06 -19.95
N LYS A 176 -19.83 5.40 -21.11
CA LYS A 176 -20.96 4.50 -21.41
C LYS A 176 -20.67 3.09 -20.88
N ILE A 177 -21.05 2.82 -19.64
CA ILE A 177 -20.69 1.56 -19.01
C ILE A 177 -21.82 0.54 -19.17
N VAL A 178 -21.47 -0.68 -19.54
CA VAL A 178 -22.45 -1.79 -19.51
C VAL A 178 -22.74 -2.27 -18.08
N VAL A 179 -24.02 -2.22 -17.70
CA VAL A 179 -24.44 -2.53 -16.33
C VAL A 179 -25.37 -3.73 -16.29
N LYS A 180 -25.15 -4.64 -15.34
CA LYS A 180 -26.05 -5.77 -15.10
C LYS A 180 -26.49 -5.77 -13.64
N LEU A 181 -27.67 -6.35 -13.40
CA LEU A 181 -28.13 -6.67 -12.05
C LEU A 181 -28.21 -8.18 -11.91
N SER A 182 -27.27 -8.72 -11.13
CA SER A 182 -27.13 -10.16 -10.96
C SER A 182 -28.01 -10.66 -9.77
N THR A 183 -28.97 -11.51 -10.08
CA THR A 183 -29.99 -11.87 -9.10
C THR A 183 -29.66 -13.23 -8.41
N ARG A 184 -30.52 -13.64 -7.50
CA ARG A 184 -30.23 -14.74 -6.58
C ARG A 184 -29.70 -16.03 -7.24
N PRO A 185 -28.52 -16.51 -6.77
CA PRO A 185 -27.94 -17.73 -7.31
C PRO A 185 -28.62 -18.95 -6.69
N GLU A 186 -28.46 -20.12 -7.31
CA GLU A 186 -29.11 -21.34 -6.79
C GLU A 186 -28.73 -21.67 -5.37
N LYS A 187 -27.44 -21.53 -5.05
CA LYS A 187 -26.96 -21.75 -3.68
C LYS A 187 -26.82 -20.37 -3.01
N ARG A 188 -27.65 -20.14 -2.00
CA ARG A 188 -27.71 -18.84 -1.32
C ARG A 188 -28.17 -18.98 0.12
N ILE A 189 -27.93 -17.93 0.89
CA ILE A 189 -28.50 -17.79 2.22
C ILE A 189 -29.49 -16.63 2.22
N GLY A 190 -30.42 -16.63 3.17
CA GLY A 190 -31.40 -15.56 3.26
C GLY A 190 -32.73 -16.00 2.66
N SER A 191 -33.81 -15.42 3.12
CA SER A 191 -35.11 -15.87 2.65
C SER A 191 -35.43 -15.25 1.29
N ASP A 192 -36.44 -15.82 0.62
CA ASP A 192 -36.98 -15.21 -0.61
C ASP A 192 -37.39 -13.76 -0.43
N GLU A 193 -38.03 -13.45 0.69
CA GLU A 193 -38.45 -12.10 1.05
C GLU A 193 -37.29 -11.10 1.06
N MET A 194 -36.20 -11.50 1.72
CA MET A 194 -35.01 -10.68 1.80
C MET A 194 -34.41 -10.48 0.39
N TRP A 195 -34.37 -11.54 -0.40
CA TRP A 195 -33.86 -11.41 -1.76
C TRP A 195 -34.71 -10.52 -2.64
N ASP A 196 -36.04 -10.66 -2.56
CA ASP A 196 -36.93 -9.75 -3.29
C ASP A 196 -36.65 -8.31 -2.96
N ARG A 197 -36.51 -8.00 -1.67
CA ARG A 197 -36.24 -6.64 -1.23
C ARG A 197 -34.87 -6.11 -1.75
N ALA A 198 -33.82 -6.92 -1.63
CA ALA A 198 -32.47 -6.48 -1.96
C ALA A 198 -32.40 -6.24 -3.46
N GLU A 199 -33.00 -7.15 -4.22
CA GLU A 199 -32.98 -7.04 -5.67
C GLU A 199 -33.78 -5.82 -6.15
N ALA A 200 -34.92 -5.56 -5.51
CA ALA A 200 -35.72 -4.37 -5.85
C ALA A 200 -34.94 -3.12 -5.51
N ASP A 201 -34.33 -3.08 -4.32
CA ASP A 201 -33.58 -1.88 -3.91
C ASP A 201 -32.50 -1.52 -4.93
N LEU A 202 -31.79 -2.52 -5.43
CA LEU A 202 -30.68 -2.24 -6.38
C LEU A 202 -31.25 -1.78 -7.71
N ALA A 203 -32.34 -2.43 -8.14
CA ALA A 203 -32.98 -2.09 -9.41
C ALA A 203 -33.53 -0.67 -9.35
N VAL A 204 -34.14 -0.30 -8.22
CA VAL A 204 -34.66 1.07 -8.04
C VAL A 204 -33.56 2.12 -8.06
N ALA A 205 -32.43 1.81 -7.43
CA ALA A 205 -31.29 2.70 -7.50
C ALA A 205 -30.78 2.93 -8.93
N LEU A 206 -30.63 1.86 -9.72
CA LEU A 206 -30.21 2.00 -11.10
C LEU A 206 -31.21 2.86 -11.89
N GLU A 207 -32.51 2.57 -11.71
CA GLU A 207 -33.58 3.28 -12.42
C GLU A 207 -33.60 4.75 -12.06
N GLU A 208 -33.44 5.04 -10.77
CA GLU A 208 -33.33 6.41 -10.23
C GLU A 208 -32.13 7.20 -10.76
N ASN A 209 -31.06 6.49 -11.06
CA ASN A 209 -29.87 7.14 -11.63
C ASN A 209 -29.91 7.18 -13.16
N ASN A 210 -31.04 6.79 -13.74
CA ASN A 210 -31.19 6.67 -15.21
C ASN A 210 -30.15 5.83 -15.93
N ILE A 211 -29.78 4.70 -15.31
CA ILE A 211 -28.85 3.76 -15.89
C ILE A 211 -29.61 2.59 -16.50
N PRO A 212 -29.46 2.38 -17.81
CA PRO A 212 -30.02 1.18 -18.44
C PRO A 212 -29.21 -0.04 -18.04
N PHE A 213 -29.91 -1.14 -17.74
CA PHE A 213 -29.23 -2.36 -17.33
C PHE A 213 -30.02 -3.56 -17.81
N GLU A 214 -29.40 -4.72 -17.70
CA GLU A 214 -30.11 -5.99 -17.93
C GLU A 214 -29.98 -6.82 -16.66
N TYR A 215 -30.94 -7.74 -16.43
CA TYR A 215 -30.79 -8.75 -15.37
C TYR A 215 -29.79 -9.80 -15.82
N GLN A 216 -29.03 -10.39 -14.89
CA GLN A 216 -28.22 -11.54 -15.19
C GLN A 216 -28.68 -12.56 -14.17
N LEU A 217 -29.51 -13.51 -14.61
CA LEU A 217 -30.17 -14.43 -13.68
C LEU A 217 -29.18 -15.38 -13.04
N GLY A 218 -29.30 -15.54 -11.71
CA GLY A 218 -28.55 -16.58 -10.97
C GLY A 218 -27.09 -16.25 -10.75
N GLU A 219 -26.66 -15.01 -11.07
CA GLU A 219 -25.23 -14.64 -10.94
C GLU A 219 -24.85 -13.81 -9.68
N GLY A 220 -25.84 -13.57 -8.84
CA GLY A 220 -25.60 -12.88 -7.55
C GLY A 220 -24.65 -13.65 -6.62
N ALA A 221 -24.13 -12.98 -5.58
CA ALA A 221 -23.24 -13.59 -4.58
C ALA A 221 -24.10 -14.47 -3.68
N PHE A 222 -23.52 -15.39 -2.93
CA PHE A 222 -24.39 -16.23 -2.06
C PHE A 222 -25.16 -15.42 -1.00
N TYR A 223 -24.63 -14.24 -0.67
CA TYR A 223 -25.17 -13.40 0.41
C TYR A 223 -26.02 -12.23 -0.10
N GLY A 224 -26.07 -12.00 -1.42
CA GLY A 224 -26.86 -10.84 -1.89
C GLY A 224 -26.66 -10.55 -3.37
N PRO A 225 -27.58 -9.77 -3.94
CA PRO A 225 -27.49 -9.48 -5.38
C PRO A 225 -26.42 -8.42 -5.65
N LYS A 226 -25.99 -8.32 -6.91
CA LYS A 226 -24.86 -7.46 -7.27
C LYS A 226 -25.23 -6.63 -8.49
N ILE A 227 -25.02 -5.32 -8.42
CA ILE A 227 -24.88 -4.52 -9.63
C ILE A 227 -23.45 -4.79 -10.13
N GLU A 228 -23.33 -5.07 -11.43
CA GLU A 228 -22.00 -5.28 -12.07
C GLU A 228 -21.75 -4.25 -13.13
N PHE A 229 -20.59 -3.59 -13.05
CA PHE A 229 -20.12 -2.73 -14.10
C PHE A 229 -19.02 -3.43 -14.87
N THR A 230 -19.28 -3.68 -16.16
CA THR A 230 -18.45 -4.48 -17.06
C THR A 230 -17.52 -3.54 -17.79
N LEU A 231 -16.23 -3.86 -17.86
CA LEU A 231 -15.35 -3.24 -18.87
C LEU A 231 -14.83 -4.31 -19.83
N TYR A 232 -14.43 -3.89 -21.03
CA TYR A 232 -14.07 -4.86 -22.08
C TYR A 232 -12.59 -4.78 -22.43
N ASP A 233 -12.02 -5.94 -22.75
CA ASP A 233 -10.61 -6.00 -23.17
C ASP A 233 -10.48 -5.89 -24.69
N CYS A 234 -9.29 -6.14 -25.22
CA CYS A 234 -9.03 -5.99 -26.66
C CYS A 234 -9.82 -6.91 -27.56
N LEU A 235 -10.31 -8.02 -27.02
CA LEU A 235 -11.09 -8.99 -27.79
C LEU A 235 -12.56 -8.86 -27.44
N ASP A 236 -12.90 -7.73 -26.80
CA ASP A 236 -14.24 -7.41 -26.30
C ASP A 236 -14.81 -8.44 -25.32
N ARG A 237 -13.94 -9.14 -24.58
CA ARG A 237 -14.43 -10.06 -23.57
C ARG A 237 -14.86 -9.18 -22.39
N ALA A 238 -15.98 -9.55 -21.77
CA ALA A 238 -16.54 -8.81 -20.65
C ALA A 238 -15.86 -9.17 -19.34
N TRP A 239 -15.35 -8.15 -18.64
CA TRP A 239 -14.75 -8.37 -17.30
C TRP A 239 -15.50 -7.61 -16.23
N GLN A 240 -15.87 -8.31 -15.15
CA GLN A 240 -16.51 -7.58 -14.05
C GLN A 240 -15.49 -6.67 -13.36
N CYS A 241 -15.77 -5.40 -13.26
CA CYS A 241 -14.86 -4.49 -12.59
C CYS A 241 -15.64 -3.92 -11.41
N GLY A 242 -16.33 -2.80 -11.59
CA GLY A 242 -17.18 -2.27 -10.50
C GLY A 242 -18.27 -3.22 -10.04
N THR A 243 -18.58 -3.19 -8.74
CA THR A 243 -19.72 -3.97 -8.21
C THR A 243 -20.26 -3.34 -6.95
N VAL A 244 -21.57 -3.35 -6.85
CA VAL A 244 -22.27 -2.78 -5.68
C VAL A 244 -23.32 -3.82 -5.22
N GLN A 245 -23.26 -4.25 -3.97
CA GLN A 245 -24.03 -5.43 -3.56
C GLN A 245 -24.73 -5.10 -2.24
N LEU A 246 -25.91 -5.72 -2.02
CA LEU A 246 -26.69 -5.39 -0.85
C LEU A 246 -26.89 -6.65 0.00
N ASP A 247 -26.56 -6.58 1.29
CA ASP A 247 -26.38 -7.80 2.11
C ASP A 247 -27.17 -7.64 3.41
N PHE A 248 -28.26 -8.39 3.47
CA PHE A 248 -29.06 -8.48 4.68
C PHE A 248 -28.77 -9.78 5.45
N SER A 249 -27.64 -10.43 5.17
CA SER A 249 -27.37 -11.78 5.71
C SER A 249 -26.12 -11.90 6.57
N LEU A 250 -24.98 -11.43 6.06
CA LEU A 250 -23.70 -11.62 6.80
C LEU A 250 -23.64 -10.92 8.17
N PRO A 251 -24.15 -9.67 8.27
CA PRO A 251 -24.02 -9.01 9.59
C PRO A 251 -24.67 -9.80 10.73
N SER A 252 -25.91 -10.26 10.49
CA SER A 252 -26.59 -11.14 11.43
C SER A 252 -25.83 -12.45 11.71
N ARG A 253 -25.34 -13.12 10.68
CA ARG A 253 -24.54 -14.32 10.90
C ARG A 253 -23.30 -14.13 11.80
N LEU A 254 -22.73 -12.92 11.72
CA LEU A 254 -21.53 -12.55 12.46
C LEU A 254 -21.85 -11.69 13.68
N SER A 255 -23.12 -11.70 14.12
CA SER A 255 -23.53 -10.97 15.34
C SER A 255 -23.25 -9.47 15.40
N ALA A 256 -23.36 -8.80 14.26
CA ALA A 256 -23.19 -7.34 14.19
C ALA A 256 -24.46 -6.68 14.66
N SER A 257 -24.33 -5.68 15.52
CA SER A 257 -25.51 -4.94 15.93
C SER A 257 -25.13 -3.50 16.30
N TYR A 258 -26.15 -2.64 16.42
CA TYR A 258 -25.95 -1.27 16.92
C TYR A 258 -27.21 -0.89 17.69
N VAL A 259 -27.05 0.12 18.53
CA VAL A 259 -28.15 0.66 19.34
C VAL A 259 -28.89 1.73 18.53
N GLY A 260 -30.18 1.49 18.33
CA GLY A 260 -31.01 2.39 17.55
C GLY A 260 -31.52 3.55 18.40
N GLU A 261 -32.33 4.39 17.77
CA GLU A 261 -32.78 5.64 18.36
C GLU A 261 -33.66 5.44 19.59
N ASP A 262 -34.34 4.29 19.65
CA ASP A 262 -35.19 3.96 20.81
C ASP A 262 -34.45 3.04 21.80
N ASN A 263 -33.12 3.02 21.72
CA ASN A 263 -32.30 2.22 22.62
C ASN A 263 -32.48 0.70 22.41
N GLU A 264 -33.09 0.33 21.28
CA GLU A 264 -33.28 -1.06 20.85
C GLU A 264 -32.08 -1.57 20.03
N ARG A 265 -31.82 -2.88 20.06
CA ARG A 265 -30.71 -3.53 19.31
C ARG A 265 -31.17 -3.76 17.88
N LYS A 266 -30.36 -3.33 16.92
CA LYS A 266 -30.67 -3.46 15.51
C LYS A 266 -29.49 -4.09 14.77
N VAL A 267 -29.74 -4.77 13.66
CA VAL A 267 -28.65 -5.32 12.85
C VAL A 267 -28.42 -4.36 11.67
N PRO A 268 -27.17 -3.95 11.43
CA PRO A 268 -26.95 -3.06 10.30
C PRO A 268 -27.09 -3.76 8.96
N VAL A 269 -27.55 -3.00 7.96
CA VAL A 269 -27.49 -3.44 6.57
C VAL A 269 -26.03 -3.32 6.12
N MET A 270 -25.55 -4.19 5.24
CA MET A 270 -24.18 -3.99 4.72
C MET A 270 -24.19 -3.89 3.21
N ILE A 271 -23.59 -2.81 2.69
CA ILE A 271 -23.41 -2.67 1.26
C ILE A 271 -21.95 -3.01 0.99
N HIS A 272 -21.70 -3.91 0.03
CA HIS A 272 -20.31 -4.21 -0.38
C HIS A 272 -20.07 -3.49 -1.68
N ARG A 273 -18.88 -2.94 -1.90
CA ARG A 273 -18.60 -2.37 -3.23
C ARG A 273 -17.13 -2.36 -3.53
N ALA A 274 -16.79 -2.62 -4.79
CA ALA A 274 -15.42 -2.34 -5.32
C ALA A 274 -15.63 -1.48 -6.55
N ILE A 275 -14.78 -0.48 -6.76
CA ILE A 275 -15.01 0.48 -7.88
C ILE A 275 -14.18 -0.01 -9.08
N LEU A 276 -12.86 -0.12 -8.90
CA LEU A 276 -11.98 -0.66 -9.95
C LEU A 276 -12.20 -2.18 -10.07
N GLY A 277 -12.50 -2.85 -8.96
CA GLY A 277 -12.70 -4.30 -8.99
C GLY A 277 -11.54 -4.96 -8.30
N SER A 278 -10.57 -5.40 -9.09
CA SER A 278 -9.23 -5.62 -8.51
C SER A 278 -8.25 -4.64 -9.18
N MET A 279 -7.18 -4.31 -8.46
CA MET A 279 -6.18 -3.43 -8.99
C MET A 279 -5.52 -4.13 -10.22
N GLU A 280 -5.31 -5.45 -10.09
CA GLU A 280 -4.63 -6.24 -11.14
C GLU A 280 -5.47 -6.22 -12.41
N ARG A 281 -6.76 -6.55 -12.26
CA ARG A 281 -7.62 -6.64 -13.46
C ARG A 281 -7.77 -5.24 -14.07
N PHE A 282 -7.89 -4.22 -13.21
CA PHE A 282 -8.07 -2.87 -13.75
C PHE A 282 -6.81 -2.43 -14.49
N ILE A 283 -5.64 -2.72 -13.96
CA ILE A 283 -4.40 -2.45 -14.72
C ILE A 283 -4.37 -3.22 -16.05
N GLY A 284 -4.79 -4.49 -16.02
CA GLY A 284 -4.89 -5.27 -17.28
C GLY A 284 -5.78 -4.55 -18.30
N ILE A 285 -6.95 -4.10 -17.86
CA ILE A 285 -7.89 -3.36 -18.70
C ILE A 285 -7.28 -2.06 -19.27
N LEU A 286 -6.66 -1.25 -18.41
CA LEU A 286 -6.05 0.00 -18.87
C LEU A 286 -4.94 -0.27 -19.89
N THR A 287 -4.14 -1.30 -19.62
CA THR A 287 -3.03 -1.64 -20.46
C THR A 287 -3.50 -1.94 -21.86
N GLU A 288 -4.56 -2.74 -21.97
CA GLU A 288 -5.10 -3.07 -23.29
C GLU A 288 -5.82 -1.89 -23.95
N GLU A 289 -6.63 -1.19 -23.19
CA GLU A 289 -7.42 -0.08 -23.73
C GLU A 289 -6.53 1.01 -24.30
N PHE A 290 -5.45 1.32 -23.59
CA PHE A 290 -4.53 2.36 -24.00
C PHE A 290 -3.35 1.87 -24.80
N ALA A 291 -3.30 0.56 -25.06
CA ALA A 291 -2.18 -0.09 -25.76
C ALA A 291 -0.84 0.29 -25.13
N GLY A 292 -0.82 0.42 -23.79
CA GLY A 292 0.37 0.84 -23.10
C GLY A 292 0.63 2.34 -23.01
N PHE A 293 -0.14 3.16 -23.72
CA PHE A 293 0.02 4.62 -23.63
C PHE A 293 -0.71 5.12 -22.37
N PHE A 294 -0.14 4.77 -21.21
CA PHE A 294 -0.78 5.20 -19.99
C PHE A 294 -0.77 6.72 -19.90
N PRO A 295 -1.84 7.29 -19.32
CA PRO A 295 -1.90 8.72 -19.04
C PRO A 295 -0.67 9.12 -18.25
N THR A 296 -0.20 10.37 -18.41
CA THR A 296 1.04 10.78 -17.78
C THR A 296 1.06 10.50 -16.29
N TRP A 297 -0.02 10.79 -15.58
CA TRP A 297 -0.02 10.53 -14.14
C TRP A 297 0.26 9.09 -13.73
N LEU A 298 -0.10 8.14 -14.60
CA LEU A 298 0.16 6.70 -14.41
C LEU A 298 1.47 6.16 -15.01
N ALA A 299 2.09 6.89 -15.94
CA ALA A 299 3.24 6.37 -16.73
C ALA A 299 4.37 6.06 -15.76
N PRO A 300 4.93 4.84 -15.83
CA PRO A 300 6.05 4.50 -14.92
C PRO A 300 7.23 5.47 -15.04
N VAL A 301 7.55 5.83 -16.30
CA VAL A 301 8.55 6.87 -16.56
C VAL A 301 7.83 7.94 -17.38
N GLN A 302 7.72 9.13 -16.80
CA GLN A 302 6.99 10.26 -17.42
C GLN A 302 7.82 11.01 -18.49
N VAL A 303 9.11 11.15 -18.22
CA VAL A 303 9.98 11.94 -19.09
C VAL A 303 11.32 11.24 -19.20
N VAL A 304 11.85 11.19 -20.43
CA VAL A 304 13.26 10.81 -20.64
C VAL A 304 14.00 12.01 -21.21
N ILE A 305 15.14 12.35 -20.60
CA ILE A 305 15.96 13.45 -21.13
C ILE A 305 17.20 12.82 -21.77
N MET A 306 17.52 13.21 -23.01
CA MET A 306 18.59 12.55 -23.77
C MET A 306 19.59 13.55 -24.39
N ASN A 307 20.84 13.17 -24.44
CA ASN A 307 21.87 13.98 -25.12
C ASN A 307 22.08 13.52 -26.55
N ILE A 308 22.72 14.37 -27.35
CA ILE A 308 23.17 13.97 -28.69
C ILE A 308 24.60 13.42 -28.55
N THR A 309 25.46 14.20 -27.92
CA THR A 309 26.86 13.81 -27.72
C THR A 309 27.22 13.92 -26.25
N ASP A 310 28.39 13.37 -25.90
CA ASP A 310 29.00 13.48 -24.57
C ASP A 310 28.99 14.92 -24.03
N SER A 311 28.95 15.86 -24.97
CA SER A 311 28.96 17.28 -24.69
C SER A 311 27.80 17.75 -23.81
N GLN A 312 26.59 17.21 -24.03
CA GLN A 312 25.41 17.65 -23.27
C GLN A 312 25.09 16.80 -22.03
N SER A 313 25.95 15.83 -21.72
CA SER A 313 25.74 14.94 -20.58
C SER A 313 25.59 15.69 -19.25
N GLU A 314 26.44 16.70 -19.03
CA GLU A 314 26.35 17.51 -17.82
C GLU A 314 25.00 18.22 -17.72
N TYR A 315 24.53 18.77 -18.84
CA TYR A 315 23.26 19.51 -18.89
C TYR A 315 22.06 18.56 -18.63
N VAL A 316 22.07 17.43 -19.30
CA VAL A 316 21.00 16.41 -19.11
C VAL A 316 20.90 16.02 -17.63
N ASN A 317 22.06 15.76 -17.02
CA ASN A 317 22.11 15.39 -15.61
C ASN A 317 21.52 16.45 -14.69
N GLU A 318 21.85 17.73 -14.95
CA GLU A 318 21.25 18.87 -14.24
C GLU A 318 19.72 18.91 -14.36
N LEU A 319 19.22 18.74 -15.58
CA LEU A 319 17.78 18.74 -15.85
C LEU A 319 17.06 17.55 -15.21
N THR A 320 17.67 16.37 -15.31
CA THR A 320 17.11 15.16 -14.68
C THR A 320 16.94 15.37 -13.18
N GLN A 321 17.98 15.93 -12.53
CA GLN A 321 17.87 16.24 -11.12
C GLN A 321 16.76 17.27 -10.84
N LYS A 322 16.71 18.33 -11.65
CA LYS A 322 15.67 19.36 -11.49
C LYS A 322 14.24 18.78 -11.65
N LEU A 323 14.00 17.98 -12.68
CA LEU A 323 12.66 17.39 -12.86
C LEU A 323 12.32 16.42 -11.72
N SER A 324 13.32 15.68 -11.28
CA SER A 324 13.15 14.76 -10.14
C SER A 324 12.77 15.50 -8.84
N ASN A 325 13.45 16.61 -8.54
CA ASN A 325 13.07 17.41 -7.37
C ASN A 325 11.66 17.99 -7.51
N ALA A 326 11.24 18.20 -8.77
CA ALA A 326 9.90 18.72 -9.05
C ALA A 326 8.83 17.60 -9.03
N GLY A 327 9.25 16.39 -8.68
CA GLY A 327 8.32 15.29 -8.43
C GLY A 327 7.96 14.49 -9.65
N ILE A 328 8.70 14.71 -10.74
CA ILE A 328 8.38 14.04 -12.02
C ILE A 328 9.20 12.75 -12.06
N ARG A 329 8.60 11.67 -12.55
CA ARG A 329 9.36 10.43 -12.78
C ARG A 329 10.20 10.55 -14.07
N VAL A 330 11.49 10.81 -13.90
CA VAL A 330 12.36 11.19 -15.03
C VAL A 330 13.62 10.31 -15.09
N LYS A 331 14.06 9.97 -16.30
CA LYS A 331 15.29 9.20 -16.49
C LYS A 331 16.15 9.91 -17.51
N ALA A 332 17.47 9.82 -17.36
CA ALA A 332 18.40 10.31 -18.39
C ALA A 332 18.82 9.19 -19.34
N ASP A 333 19.03 9.53 -20.62
CA ASP A 333 19.52 8.53 -21.56
C ASP A 333 20.79 9.10 -22.21
N LEU A 334 21.93 8.64 -21.71
CA LEU A 334 23.22 9.26 -22.02
C LEU A 334 24.00 8.49 -23.08
N ARG A 335 23.41 7.40 -23.54
CA ARG A 335 24.03 6.47 -24.49
C ARG A 335 24.53 7.11 -25.78
N ASN A 336 25.62 6.56 -26.33
CA ASN A 336 26.08 6.99 -27.64
C ASN A 336 25.26 6.32 -28.73
N GLU A 337 24.02 6.77 -28.89
CA GLU A 337 23.15 6.29 -29.94
C GLU A 337 22.57 7.51 -30.62
N LYS A 338 22.17 7.34 -31.89
CA LYS A 338 21.50 8.44 -32.58
C LYS A 338 20.19 8.81 -31.89
N ILE A 339 19.85 10.09 -31.98
CA ILE A 339 18.62 10.62 -31.40
C ILE A 339 17.35 9.85 -31.88
N GLY A 340 17.23 9.58 -33.19
CA GLY A 340 16.14 8.74 -33.70
C GLY A 340 16.02 7.34 -33.08
N PHE A 341 17.16 6.70 -32.82
CA PHE A 341 17.24 5.40 -32.13
C PHE A 341 16.67 5.47 -30.71
N LYS A 342 17.06 6.52 -29.99
CA LYS A 342 16.61 6.72 -28.62
C LYS A 342 15.11 6.92 -28.59
N ILE A 343 14.63 7.78 -29.50
CA ILE A 343 13.22 8.11 -29.54
C ILE A 343 12.39 6.89 -29.85
N ARG A 344 12.84 6.06 -30.80
CA ARG A 344 12.12 4.79 -31.05
C ARG A 344 12.06 3.90 -29.79
N GLU A 345 13.18 3.76 -29.10
CA GLU A 345 13.16 2.91 -27.91
C GLU A 345 12.20 3.40 -26.83
N HIS A 346 12.25 4.70 -26.53
CA HIS A 346 11.42 5.27 -25.44
C HIS A 346 9.99 5.41 -25.87
N THR A 347 9.76 5.41 -27.19
CA THR A 347 8.40 5.27 -27.72
C THR A 347 7.84 3.87 -27.49
N LEU A 348 8.66 2.83 -27.73
CA LEU A 348 8.24 1.45 -27.43
C LEU A 348 8.02 1.31 -25.91
N ARG A 349 8.79 2.05 -25.13
CA ARG A 349 8.61 2.05 -23.68
C ARG A 349 7.47 2.97 -23.25
N ARG A 350 6.81 3.61 -24.23
CA ARG A 350 5.60 4.44 -23.97
C ARG A 350 5.84 5.63 -23.02
N VAL A 351 7.03 6.22 -23.10
CA VAL A 351 7.35 7.40 -22.28
C VAL A 351 6.63 8.64 -22.86
N PRO A 352 5.77 9.31 -22.07
CA PRO A 352 5.02 10.43 -22.62
C PRO A 352 5.88 11.44 -23.33
N TYR A 353 6.92 11.95 -22.66
CA TYR A 353 7.72 13.06 -23.21
C TYR A 353 9.17 12.73 -23.24
N MET A 354 9.80 13.12 -24.35
CA MET A 354 11.22 12.98 -24.56
C MET A 354 11.81 14.37 -24.81
N LEU A 355 12.82 14.72 -24.02
CA LEU A 355 13.45 16.03 -24.03
C LEU A 355 14.82 15.84 -24.61
N VAL A 356 15.01 16.43 -25.80
CA VAL A 356 16.23 16.27 -26.58
C VAL A 356 17.12 17.50 -26.33
N CYS A 357 18.38 17.21 -26.01
CA CYS A 357 19.35 18.24 -25.60
C CYS A 357 20.55 18.26 -26.53
N GLY A 358 20.54 19.23 -27.44
CA GLY A 358 21.67 19.51 -28.32
C GLY A 358 22.43 20.71 -27.76
N ASP A 359 23.52 21.09 -28.44
CA ASP A 359 24.32 22.24 -28.02
C ASP A 359 23.50 23.51 -27.88
N LYS A 360 22.54 23.70 -28.79
CA LYS A 360 21.75 24.93 -28.80
C LYS A 360 20.82 24.98 -27.58
N GLU A 361 20.35 23.80 -27.15
CA GLU A 361 19.56 23.65 -25.92
C GLU A 361 20.37 23.97 -24.66
N VAL A 362 21.62 23.48 -24.60
CA VAL A 362 22.55 23.83 -23.52
C VAL A 362 22.75 25.35 -23.42
N GLU A 363 22.97 25.98 -24.58
CA GLU A 363 23.16 27.44 -24.70
C GLU A 363 22.03 28.22 -24.05
N SER A 364 20.80 27.86 -24.41
CA SER A 364 19.65 28.71 -24.19
C SER A 364 18.91 28.33 -22.92
N GLY A 365 19.38 27.29 -22.24
CA GLY A 365 18.68 26.71 -21.08
C GLY A 365 17.30 26.14 -21.42
N LYS A 366 17.16 25.63 -22.64
CA LYS A 366 15.89 25.09 -23.13
C LYS A 366 15.93 23.57 -23.43
N VAL A 367 14.80 23.02 -23.88
CA VAL A 367 14.74 21.62 -24.34
C VAL A 367 13.87 21.45 -25.59
N ALA A 368 14.29 20.56 -26.47
CA ALA A 368 13.47 20.16 -27.64
C ALA A 368 12.53 19.04 -27.21
N VAL A 369 11.21 19.28 -27.29
CA VAL A 369 10.20 18.37 -26.75
C VAL A 369 9.57 17.50 -27.83
N ARG A 370 9.63 16.19 -27.63
CA ARG A 370 8.99 15.21 -28.50
C ARG A 370 8.05 14.36 -27.69
N THR A 371 7.09 13.73 -28.36
CA THR A 371 6.21 12.84 -27.61
C THR A 371 6.25 11.44 -28.20
N ARG A 372 5.77 10.49 -27.40
CA ARG A 372 5.61 9.10 -27.80
C ARG A 372 4.57 8.88 -28.90
N ARG A 373 3.86 9.94 -29.31
CA ARG A 373 2.89 9.82 -30.40
C ARG A 373 3.50 10.40 -31.68
N GLY A 374 4.81 10.63 -31.69
CA GLY A 374 5.48 11.16 -32.89
C GLY A 374 5.49 12.68 -33.06
N LYS A 375 4.93 13.41 -32.08
CA LYS A 375 4.73 14.86 -32.19
C LYS A 375 5.93 15.66 -31.74
N ASP A 376 6.25 16.71 -32.50
CA ASP A 376 7.36 17.59 -32.22
C ASP A 376 6.75 18.88 -31.66
N LEU A 377 6.96 19.13 -30.37
CA LEU A 377 6.36 20.28 -29.68
C LEU A 377 7.32 21.48 -29.63
N GLY A 378 8.45 21.38 -30.34
CA GLY A 378 9.45 22.47 -30.46
C GLY A 378 10.36 22.61 -29.25
N SER A 379 11.01 23.77 -29.10
CA SER A 379 11.69 24.07 -27.82
C SER A 379 10.77 24.81 -26.84
N MET A 380 10.96 24.49 -25.57
CA MET A 380 10.25 25.16 -24.50
C MET A 380 11.29 25.38 -23.40
N ASP A 381 10.99 26.31 -22.52
CA ASP A 381 11.80 26.56 -21.35
C ASP A 381 11.65 25.39 -20.40
N VAL A 382 12.72 25.04 -19.69
CA VAL A 382 12.68 23.98 -18.68
C VAL A 382 11.56 24.18 -17.66
N ASN A 383 11.41 25.42 -17.19
CA ASN A 383 10.41 25.74 -16.17
C ASN A 383 8.99 25.58 -16.73
N GLU A 384 8.83 25.89 -18.00
CA GLU A 384 7.53 25.76 -18.67
C GLU A 384 7.12 24.28 -18.80
N VAL A 385 8.08 23.45 -19.21
CA VAL A 385 7.87 22.01 -19.30
C VAL A 385 7.48 21.43 -17.93
N ILE A 386 8.21 21.80 -16.88
CA ILE A 386 7.90 21.37 -15.52
C ILE A 386 6.47 21.75 -15.08
N GLU A 387 6.08 23.01 -15.27
CA GLU A 387 4.74 23.47 -14.87
C GLU A 387 3.65 22.73 -15.62
N LYS A 388 3.87 22.55 -16.92
CA LYS A 388 2.89 21.85 -17.75
C LYS A 388 2.79 20.35 -17.40
N LEU A 389 3.93 19.71 -17.14
CA LEU A 389 3.94 18.33 -16.66
C LEU A 389 3.24 18.21 -15.30
N GLN A 390 3.60 19.10 -14.37
CA GLN A 390 3.00 19.11 -13.06
C GLN A 390 1.47 19.27 -13.13
N GLN A 391 0.99 20.16 -14.01
CA GLN A 391 -0.45 20.31 -14.21
C GLN A 391 -1.08 19.08 -14.85
N GLU A 392 -0.44 18.51 -15.85
CA GLU A 392 -0.93 17.27 -16.44
C GLU A 392 -1.03 16.15 -15.37
N ILE A 393 -0.06 16.10 -14.45
CA ILE A 393 -0.05 15.08 -13.40
C ILE A 393 -1.11 15.37 -12.34
N ARG A 394 -1.15 16.60 -11.85
CA ARG A 394 -2.07 16.95 -10.78
C ARG A 394 -3.54 16.81 -11.20
N SER A 395 -3.87 17.14 -12.45
CA SER A 395 -5.25 17.01 -12.92
C SER A 395 -5.56 15.60 -13.41
N ARG A 396 -4.58 14.68 -13.37
CA ARG A 396 -4.73 13.30 -13.92
C ARG A 396 -5.33 13.34 -15.33
N SER A 397 -4.74 14.21 -16.16
CA SER A 397 -5.27 14.45 -17.49
C SER A 397 -5.09 13.20 -18.37
N LEU A 398 -6.15 12.87 -19.10
CA LEU A 398 -6.14 11.76 -20.04
C LEU A 398 -5.27 12.04 -21.25
N LYS A 399 -5.12 13.31 -21.60
CA LYS A 399 -4.39 13.66 -22.79
C LYS A 399 -3.25 14.64 -22.56
N GLN A 400 -2.34 14.63 -23.52
CA GLN A 400 -1.02 15.23 -23.47
C GLN A 400 -1.11 16.69 -23.93
N LEU A 401 0.01 17.42 -23.86
CA LEU A 401 0.10 18.82 -24.32
C LEU A 401 -0.25 18.92 -25.79
N GLU A 402 -1.35 19.62 -26.09
CA GLU A 402 -1.79 19.95 -27.44
C GLU A 402 -2.32 18.73 -28.21
N GLU A 403 -3.00 17.84 -27.50
CA GLU A 403 -3.46 16.57 -28.06
C GLU A 403 -4.99 16.46 -28.08
N LEU A 404 -5.53 16.14 -29.26
CA LEU A 404 -6.98 16.01 -29.43
C LEU A 404 -7.50 14.72 -28.81
N GLU A 405 -6.81 13.62 -29.12
CA GLU A 405 -7.29 12.27 -28.81
C GLU A 405 -6.15 11.38 -28.31
N HIS A 406 -6.25 10.87 -27.08
CA HIS A 406 -5.27 9.87 -26.60
C HIS A 406 -5.54 8.55 -27.28
N HIS A 407 -4.54 7.66 -27.30
CA HIS A 407 -4.76 6.29 -27.82
C HIS A 407 -5.74 5.57 -26.96
N HIS A 408 -6.85 5.13 -27.54
CA HIS A 408 -7.76 4.22 -26.83
C HIS A 408 -8.53 3.40 -27.82
N HIS A 409 -8.69 2.11 -27.53
CA HIS A 409 -9.26 1.19 -28.49
C HIS A 409 -10.74 1.38 -28.76
N HIS A 410 -11.50 1.70 -27.71
CA HIS A 410 -12.97 1.82 -27.84
C HIS A 410 -13.39 3.26 -27.86
N HIS A 411 -13.79 3.73 -29.05
CA HIS A 411 -14.33 5.08 -29.26
C HIS A 411 -15.83 5.03 -29.20
N ARG B 3 3.86 2.41 30.47
CA ARG B 3 2.59 2.28 29.65
C ARG B 3 2.76 1.24 28.55
N ASP B 4 1.73 0.41 28.39
CA ASP B 4 1.72 -0.80 27.59
C ASP B 4 1.04 -0.39 26.25
N HIS B 5 1.70 -0.66 25.12
CA HIS B 5 1.08 -0.35 23.81
C HIS B 5 -0.25 -1.03 23.60
N ARG B 6 -0.45 -2.19 24.24
CA ARG B 6 -1.71 -2.94 24.07
C ARG B 6 -2.90 -2.20 24.66
N LYS B 7 -2.70 -1.62 25.84
CA LYS B 7 -3.76 -0.85 26.46
C LYS B 7 -3.95 0.44 25.68
N ILE B 8 -2.86 1.12 25.32
CA ILE B 8 -2.96 2.35 24.54
C ILE B 8 -3.64 2.08 23.18
N GLY B 9 -3.24 0.99 22.53
CA GLY B 9 -3.87 0.60 21.24
C GLY B 9 -5.39 0.43 21.37
N LYS B 10 -5.85 -0.13 22.49
CA LYS B 10 -7.30 -0.26 22.70
C LYS B 10 -7.91 1.12 22.93
N GLN B 11 -7.32 1.89 23.84
CA GLN B 11 -7.83 3.25 24.14
C GLN B 11 -7.92 4.20 22.94
N LEU B 12 -6.95 4.14 22.02
CA LEU B 12 -6.94 5.04 20.88
C LEU B 12 -7.49 4.38 19.63
N ASP B 13 -8.12 3.21 19.83
CA ASP B 13 -8.84 2.49 18.76
C ASP B 13 -7.93 2.24 17.58
N LEU B 14 -6.71 1.77 17.87
CA LEU B 14 -5.69 1.63 16.77
C LEU B 14 -5.79 0.31 16.05
N TYR B 15 -6.07 -0.74 16.81
CA TYR B 15 -6.03 -2.10 16.29
C TYR B 15 -6.70 -3.03 17.29
N HIS B 16 -6.94 -4.28 16.88
CA HIS B 16 -7.33 -5.32 17.84
C HIS B 16 -6.85 -6.63 17.33
N MET B 17 -6.80 -7.63 18.21
CA MET B 17 -6.56 -8.98 17.79
C MET B 17 -7.67 -9.87 18.39
N GLN B 18 -7.91 -11.01 17.76
CA GLN B 18 -8.84 -11.93 18.42
C GLN B 18 -8.39 -13.36 18.36
N GLU B 19 -8.98 -14.20 19.19
CA GLU B 19 -8.61 -15.63 19.15
C GLU B 19 -9.01 -16.40 17.85
N GLU B 20 -10.00 -15.94 17.09
CA GLU B 20 -10.13 -16.58 15.75
C GLU B 20 -8.96 -16.26 14.76
N ALA B 21 -7.98 -15.43 15.17
CA ALA B 21 -6.80 -15.25 14.36
C ALA B 21 -5.54 -14.85 15.22
N PRO B 22 -5.00 -15.80 15.95
CA PRO B 22 -3.88 -15.49 16.87
C PRO B 22 -2.66 -14.86 16.11
N GLY B 23 -2.16 -13.72 16.58
CA GLY B 23 -1.03 -13.02 15.92
C GLY B 23 -1.40 -12.39 14.58
N MET B 24 -2.69 -12.22 14.32
CA MET B 24 -3.11 -11.60 13.05
C MET B 24 -3.75 -10.26 13.38
N VAL B 25 -3.14 -9.15 12.95
CA VAL B 25 -3.57 -7.83 13.42
C VAL B 25 -4.72 -7.34 12.58
N PHE B 26 -5.71 -6.76 13.23
CA PHE B 26 -6.77 -6.00 12.56
C PHE B 26 -6.41 -4.54 12.84
N TRP B 27 -5.97 -3.86 11.81
CA TRP B 27 -5.76 -2.40 11.90
C TRP B 27 -7.03 -1.64 11.69
N HIS B 28 -7.45 -0.91 12.73
CA HIS B 28 -8.60 0.00 12.61
C HIS B 28 -8.16 1.26 11.90
N ASN B 29 -9.10 2.13 11.57
CA ASN B 29 -8.74 3.30 10.75
C ASN B 29 -7.56 4.08 11.35
N ASP B 30 -7.61 4.38 12.64
CA ASP B 30 -6.57 5.26 13.19
C ASP B 30 -5.19 4.58 13.27
N GLY B 31 -5.16 3.28 13.56
CA GLY B 31 -3.88 2.57 13.55
C GLY B 31 -3.30 2.47 12.14
N TRP B 32 -4.19 2.21 11.17
CA TRP B 32 -3.81 2.10 9.77
C TRP B 32 -3.26 3.41 9.27
N THR B 33 -3.79 4.53 9.77
CA THR B 33 -3.23 5.84 9.42
C THR B 33 -1.74 5.99 9.78
N ILE B 34 -1.41 5.53 10.98
CA ILE B 34 -0.03 5.54 11.43
C ILE B 34 0.82 4.67 10.51
N PHE B 35 0.36 3.44 10.26
CA PHE B 35 1.08 2.48 9.40
C PHE B 35 1.35 3.13 8.02
N ARG B 36 0.32 3.74 7.45
CA ARG B 36 0.43 4.40 6.14
C ARG B 36 1.40 5.59 6.15
N GLU B 37 1.37 6.39 7.22
CA GLU B 37 2.32 7.48 7.35
C GLU B 37 3.77 6.95 7.45
N LEU B 38 3.97 5.83 8.12
CA LEU B 38 5.32 5.27 8.20
C LEU B 38 5.77 4.79 6.82
N GLU B 39 4.86 4.17 6.08
CA GLU B 39 5.18 3.84 4.68
C GLU B 39 5.57 5.04 3.84
N VAL B 40 4.82 6.13 3.95
CA VAL B 40 5.19 7.36 3.23
C VAL B 40 6.60 7.81 3.60
N PHE B 41 6.89 7.84 4.91
CA PHE B 41 8.20 8.22 5.40
C PHE B 41 9.31 7.34 4.84
N VAL B 42 9.13 6.02 4.94
CA VAL B 42 10.11 5.07 4.42
C VAL B 42 10.29 5.32 2.91
N ARG B 43 9.19 5.42 2.17
CA ARG B 43 9.34 5.71 0.72
C ARG B 43 10.15 6.97 0.40
N SER B 44 9.96 8.04 1.16
CA SER B 44 10.66 9.30 0.91
C SER B 44 12.16 9.09 1.05
N LYS B 45 12.52 8.26 2.02
CA LYS B 45 13.92 7.88 2.24
C LYS B 45 14.42 6.92 1.17
N LEU B 46 13.60 5.95 0.78
CA LEU B 46 13.99 5.02 -0.32
C LEU B 46 14.23 5.80 -1.64
N LYS B 47 13.47 6.87 -1.84
CA LYS B 47 13.74 7.74 -3.00
C LYS B 47 15.15 8.35 -2.97
N GLU B 48 15.51 9.00 -1.87
CA GLU B 48 16.80 9.66 -1.81
C GLU B 48 17.95 8.69 -1.83
N TYR B 49 17.79 7.53 -1.16
CA TYR B 49 18.88 6.52 -1.14
C TYR B 49 18.86 5.60 -2.36
N GLN B 50 18.00 5.94 -3.34
CA GLN B 50 17.91 5.30 -4.65
C GLN B 50 17.60 3.79 -4.66
N TYR B 51 16.39 3.48 -4.23
CA TYR B 51 15.88 2.12 -4.25
C TYR B 51 14.73 1.96 -5.25
N GLN B 52 14.65 0.81 -5.89
CA GLN B 52 13.41 0.38 -6.55
C GLN B 52 12.40 -0.06 -5.52
N GLU B 53 11.11 -0.16 -5.90
CA GLU B 53 10.15 -0.79 -4.97
C GLU B 53 9.33 -1.75 -5.76
N VAL B 54 9.22 -2.99 -5.26
CA VAL B 54 8.53 -4.09 -5.98
C VAL B 54 7.48 -4.70 -5.07
N LYS B 55 6.79 -5.74 -5.60
CA LYS B 55 5.87 -6.54 -4.77
C LYS B 55 5.94 -7.97 -5.25
N GLY B 56 6.33 -8.87 -4.35
CA GLY B 56 6.53 -10.30 -4.72
C GLY B 56 5.29 -11.12 -4.40
N PRO B 57 5.23 -12.35 -4.94
CA PRO B 57 4.11 -13.25 -4.72
C PRO B 57 3.97 -13.61 -3.21
N PHE B 58 2.74 -13.65 -2.72
CA PHE B 58 2.45 -14.03 -1.35
C PHE B 58 2.85 -15.50 -1.07
N MET B 59 2.66 -16.39 -2.03
CA MET B 59 3.16 -17.73 -1.85
C MET B 59 3.89 -18.22 -3.06
N MET B 60 4.77 -19.18 -2.84
CA MET B 60 5.53 -19.86 -3.92
C MET B 60 5.68 -21.34 -3.61
N ASP B 61 5.95 -22.13 -4.65
CA ASP B 61 6.05 -23.57 -4.54
C ASP B 61 7.08 -23.99 -3.47
N ARG B 62 6.74 -25.03 -2.68
CA ARG B 62 7.64 -25.58 -1.66
C ARG B 62 9.01 -25.93 -2.29
N VAL B 63 8.99 -26.36 -3.56
CA VAL B 63 10.23 -26.66 -4.30
C VAL B 63 11.24 -25.51 -4.28
N LEU B 64 10.76 -24.28 -4.48
CA LEU B 64 11.62 -23.10 -4.49
C LEU B 64 12.22 -22.87 -3.08
N TRP B 65 11.42 -23.06 -2.05
CA TRP B 65 11.91 -22.93 -0.68
C TRP B 65 12.84 -24.04 -0.29
N GLU B 66 12.71 -25.20 -0.94
CA GLU B 66 13.69 -26.30 -0.75
C GLU B 66 15.06 -25.92 -1.34
N LYS B 67 15.04 -25.28 -2.49
CA LYS B 67 16.24 -24.86 -3.19
C LYS B 67 17.07 -23.85 -2.38
N THR B 68 16.39 -22.91 -1.74
CA THR B 68 17.07 -21.86 -1.00
C THR B 68 17.70 -22.37 0.29
N GLY B 69 17.22 -23.50 0.80
CA GLY B 69 17.63 -23.95 2.14
C GLY B 69 16.59 -23.55 3.17
N HIS B 70 15.57 -22.76 2.77
CA HIS B 70 14.51 -22.42 3.74
C HIS B 70 13.77 -23.60 4.31
N TRP B 71 13.52 -24.60 3.48
CA TRP B 71 12.77 -25.76 3.95
C TRP B 71 13.54 -26.51 5.00
N ASP B 72 14.81 -26.83 4.73
CA ASP B 72 15.60 -27.61 5.70
C ASP B 72 15.97 -26.77 6.92
N ASN B 73 16.26 -25.48 6.69
CA ASN B 73 16.75 -24.59 7.75
C ASN B 73 15.70 -23.65 8.34
N TYR B 74 14.42 -23.87 8.04
CA TYR B 74 13.37 -22.89 8.39
C TYR B 74 11.93 -23.45 8.37
N LYS B 75 11.78 -24.78 8.30
CA LYS B 75 10.48 -25.42 8.03
C LYS B 75 9.36 -25.11 9.02
N ASP B 76 9.65 -25.20 10.32
CA ASP B 76 8.64 -25.12 11.39
C ASP B 76 7.96 -23.76 11.47
N ALA B 77 8.65 -22.75 10.98
CA ALA B 77 8.15 -21.40 10.99
C ALA B 77 7.17 -21.15 9.86
N MET B 78 7.09 -22.05 8.87
CA MET B 78 6.36 -21.72 7.62
C MET B 78 4.93 -22.22 7.62
N PHE B 79 4.01 -21.38 7.17
CA PHE B 79 2.65 -21.81 6.83
C PHE B 79 2.66 -22.40 5.43
N THR B 80 2.00 -23.54 5.24
CA THR B 80 1.88 -24.12 3.91
C THR B 80 0.43 -24.27 3.51
N THR B 81 0.22 -24.32 2.19
CA THR B 81 -1.14 -24.47 1.63
C THR B 81 -1.03 -25.21 0.29
N SER B 82 -2.12 -25.81 -0.18
CA SER B 82 -2.01 -26.59 -1.41
C SER B 82 -3.01 -26.15 -2.46
N SER B 83 -2.67 -26.39 -3.73
CA SER B 83 -3.64 -26.29 -4.83
C SER B 83 -3.26 -27.25 -5.92
N GLU B 84 -4.25 -27.99 -6.42
CA GLU B 84 -4.03 -28.95 -7.53
C GLU B 84 -2.76 -29.80 -7.33
N ASN B 85 -2.67 -30.41 -6.13
CA ASN B 85 -1.61 -31.38 -5.79
C ASN B 85 -0.19 -30.82 -5.69
N ARG B 86 -0.12 -29.51 -5.52
CA ARG B 86 1.12 -28.78 -5.37
C ARG B 86 1.08 -28.04 -4.05
N GLU B 87 2.16 -28.11 -3.29
CA GLU B 87 2.28 -27.48 -2.01
C GLU B 87 3.01 -26.12 -2.16
N TYR B 88 2.49 -25.11 -1.46
CA TYR B 88 3.05 -23.74 -1.46
C TYR B 88 3.42 -23.31 -0.07
N CYS B 89 4.47 -22.51 0.05
CA CYS B 89 4.73 -21.89 1.33
C CYS B 89 4.29 -20.45 1.24
N ILE B 90 3.57 -20.02 2.26
CA ILE B 90 3.29 -18.61 2.43
C ILE B 90 4.64 -17.96 2.87
N LYS B 91 5.04 -16.88 2.19
CA LYS B 91 6.43 -16.43 2.39
C LYS B 91 6.70 -15.91 3.78
N PRO B 92 7.81 -16.39 4.40
CA PRO B 92 8.26 -15.87 5.70
C PRO B 92 9.30 -14.76 5.50
N MET B 93 9.79 -14.61 4.27
CA MET B 93 10.85 -13.68 3.87
C MET B 93 10.61 -13.27 2.42
N ASN B 94 11.11 -12.10 2.04
CA ASN B 94 10.94 -11.58 0.68
C ASN B 94 12.07 -11.83 -0.30
N CYS B 95 13.22 -12.24 0.24
CA CYS B 95 14.46 -12.38 -0.53
C CYS B 95 14.30 -13.27 -1.77
N PRO B 96 13.80 -14.51 -1.62
CA PRO B 96 13.71 -15.30 -2.84
C PRO B 96 12.88 -14.63 -3.94
N GLY B 97 11.76 -14.00 -3.59
CA GLY B 97 11.01 -13.25 -4.61
C GLY B 97 11.82 -12.15 -5.28
N HIS B 98 12.63 -11.43 -4.48
CA HIS B 98 13.47 -10.40 -5.04
C HIS B 98 14.48 -10.98 -6.01
N VAL B 99 15.07 -12.13 -5.67
CA VAL B 99 16.03 -12.74 -6.61
C VAL B 99 15.30 -13.13 -7.93
N GLN B 100 14.06 -13.61 -7.81
CA GLN B 100 13.31 -14.01 -9.00
C GLN B 100 13.12 -12.80 -9.92
N ILE B 101 12.89 -11.63 -9.32
CA ILE B 101 12.71 -10.41 -10.10
C ILE B 101 14.05 -10.02 -10.70
N PHE B 102 15.10 -10.08 -9.90
CA PHE B 102 16.47 -9.84 -10.41
C PHE B 102 16.78 -10.71 -11.64
N ASN B 103 16.35 -11.97 -11.58
CA ASN B 103 16.61 -12.96 -12.62
C ASN B 103 15.85 -12.70 -13.95
N GLN B 104 14.89 -11.78 -13.94
CA GLN B 104 14.18 -11.41 -15.17
C GLN B 104 14.97 -10.32 -15.91
N GLY B 105 15.53 -10.66 -17.07
CA GLY B 105 16.32 -9.69 -17.82
C GLY B 105 17.80 -9.83 -17.49
N LEU B 106 18.65 -9.83 -18.51
CA LEU B 106 20.10 -9.93 -18.29
C LEU B 106 20.59 -8.74 -17.48
N LYS B 107 21.47 -8.99 -16.52
CA LYS B 107 22.02 -7.94 -15.68
C LYS B 107 23.54 -7.78 -15.91
N SER B 108 24.03 -6.54 -15.76
CA SER B 108 25.49 -6.35 -15.82
C SER B 108 25.93 -5.47 -14.69
N TYR B 109 27.23 -5.18 -14.65
CA TYR B 109 27.78 -4.33 -13.60
C TYR B 109 27.13 -2.96 -13.63
N ARG B 110 26.64 -2.56 -14.81
CA ARG B 110 25.91 -1.29 -15.00
C ARG B 110 24.67 -1.17 -14.14
N ASP B 111 24.09 -2.31 -13.78
CA ASP B 111 22.88 -2.35 -12.95
C ASP B 111 23.17 -2.32 -11.45
N LEU B 112 24.44 -2.47 -11.06
CA LEU B 112 24.79 -2.61 -9.64
C LEU B 112 25.42 -1.34 -9.10
N PRO B 113 25.19 -1.03 -7.83
CA PRO B 113 24.32 -1.76 -6.86
C PRO B 113 22.86 -1.63 -7.27
N LEU B 114 22.10 -2.72 -7.14
CA LEU B 114 20.69 -2.68 -7.48
C LEU B 114 19.98 -2.84 -6.12
N ARG B 115 19.25 -1.79 -5.72
CA ARG B 115 18.68 -1.74 -4.36
C ARG B 115 17.17 -1.93 -4.50
N MET B 116 16.67 -3.07 -4.04
CA MET B 116 15.30 -3.49 -4.35
C MET B 116 14.50 -3.60 -3.06
N ALA B 117 13.54 -2.66 -2.86
CA ALA B 117 12.77 -2.59 -1.62
C ALA B 117 11.38 -3.14 -1.78
N GLU B 118 10.80 -3.60 -0.68
CA GLU B 118 9.40 -4.07 -0.71
C GLU B 118 8.85 -3.88 0.69
N PHE B 119 7.61 -3.37 0.82
CA PHE B 119 6.89 -3.56 2.08
C PHE B 119 6.34 -4.98 2.04
N GLY B 120 7.12 -5.92 2.58
CA GLY B 120 6.89 -7.35 2.25
C GLY B 120 6.09 -8.02 3.36
N SER B 121 4.85 -8.42 3.06
CA SER B 121 4.00 -9.09 4.06
C SER B 121 4.49 -10.50 4.24
N CYS B 122 4.93 -10.83 5.44
CA CYS B 122 5.43 -12.14 5.77
C CYS B 122 4.55 -12.84 6.79
N HIS B 123 4.58 -14.17 6.82
CA HIS B 123 3.90 -14.93 7.87
C HIS B 123 4.88 -15.91 8.40
N ARG B 124 4.99 -15.99 9.72
CA ARG B 124 5.83 -16.99 10.38
C ARG B 124 5.00 -17.56 11.52
N ASN B 125 4.93 -18.88 11.56
CA ASN B 125 4.16 -19.62 12.56
C ASN B 125 4.85 -19.59 13.90
N GLU B 126 4.95 -18.40 14.51
CA GLU B 126 5.58 -18.24 15.81
C GLU B 126 4.73 -19.04 16.85
N PRO B 127 5.38 -19.79 17.74
CA PRO B 127 4.63 -20.52 18.77
C PRO B 127 3.70 -19.56 19.55
N SER B 128 2.45 -19.98 19.83
CA SER B 128 1.45 -19.03 20.30
C SER B 128 1.83 -18.47 21.65
N GLY B 129 2.62 -19.22 22.40
CA GLY B 129 3.05 -18.80 23.72
C GLY B 129 4.11 -17.72 23.69
N SER B 130 4.59 -17.38 22.50
CA SER B 130 5.63 -16.36 22.38
C SER B 130 5.05 -15.04 21.82
N LEU B 131 3.78 -15.06 21.46
CA LEU B 131 3.12 -13.90 20.90
C LEU B 131 2.99 -12.81 21.94
N HIS B 132 3.15 -11.56 21.51
CA HIS B 132 3.03 -10.43 22.41
C HIS B 132 2.59 -9.18 21.72
N GLY B 133 1.31 -8.80 21.86
CA GLY B 133 0.81 -7.51 21.32
C GLY B 133 1.22 -7.35 19.87
N LEU B 134 1.77 -6.18 19.55
CA LEU B 134 2.24 -5.85 18.18
C LEU B 134 3.71 -6.15 18.02
N MET B 135 4.37 -6.52 19.14
CA MET B 135 5.85 -6.81 19.08
C MET B 135 6.19 -8.17 18.47
N ARG B 136 5.33 -9.17 18.66
CA ARG B 136 5.59 -10.49 18.12
C ARG B 136 4.23 -11.06 17.73
N VAL B 137 4.03 -11.05 16.41
CA VAL B 137 2.77 -11.52 15.79
C VAL B 137 3.10 -12.68 14.82
N ARG B 138 2.09 -13.13 14.06
CA ARG B 138 2.34 -14.15 13.02
C ARG B 138 2.32 -13.59 11.60
N GLY B 139 1.51 -12.54 11.38
CA GLY B 139 1.49 -11.84 10.06
C GLY B 139 1.98 -10.40 10.22
N PHE B 140 3.14 -10.11 9.63
CA PHE B 140 3.75 -8.79 9.77
C PHE B 140 4.29 -8.30 8.43
N THR B 141 4.61 -7.01 8.37
CA THR B 141 5.13 -6.40 7.16
C THR B 141 6.54 -5.85 7.40
N GLN B 142 7.53 -6.29 6.62
CA GLN B 142 8.88 -5.79 6.82
C GLN B 142 9.08 -4.61 5.87
N ASP B 143 9.85 -3.61 6.31
CA ASP B 143 10.31 -2.56 5.38
C ASP B 143 11.62 -3.10 4.82
N ASP B 144 11.47 -4.07 3.92
CA ASP B 144 12.60 -4.92 3.49
C ASP B 144 13.28 -4.35 2.27
N ALA B 145 14.54 -4.74 2.09
CA ALA B 145 15.19 -4.57 0.77
C ALA B 145 16.35 -5.53 0.63
N HIS B 146 16.69 -5.87 -0.61
CA HIS B 146 17.91 -6.61 -0.91
C HIS B 146 18.69 -5.83 -1.90
N ILE B 147 19.99 -5.69 -1.61
CA ILE B 147 20.90 -4.91 -2.45
C ILE B 147 21.81 -5.92 -3.11
N PHE B 148 21.80 -5.91 -4.44
CA PHE B 148 22.65 -6.79 -5.24
C PHE B 148 23.84 -5.96 -5.65
N CYS B 149 25.04 -6.44 -5.33
CA CYS B 149 26.24 -5.63 -5.56
C CYS B 149 27.43 -6.54 -5.77
N THR B 150 28.57 -5.91 -6.09
CA THR B 150 29.80 -6.69 -6.29
C THR B 150 30.52 -6.74 -4.96
N GLU B 151 31.51 -7.65 -4.85
CA GLU B 151 32.34 -7.72 -3.65
C GLU B 151 32.98 -6.38 -3.36
N GLU B 152 33.39 -5.64 -4.41
CA GLU B 152 34.03 -4.35 -4.20
C GLU B 152 33.11 -3.27 -3.63
N GLN B 153 31.79 -3.47 -3.77
CA GLN B 153 30.77 -2.51 -3.32
C GLN B 153 30.23 -2.81 -1.91
N ILE B 154 30.62 -3.94 -1.34
CA ILE B 154 30.08 -4.34 -0.03
C ILE B 154 30.27 -3.23 1.02
N ARG B 155 31.49 -2.70 1.17
CA ARG B 155 31.74 -1.72 2.23
C ARG B 155 30.79 -0.54 2.08
N ASP B 156 30.74 0.06 0.88
CA ASP B 156 29.91 1.25 0.66
C ASP B 156 28.43 0.95 0.89
N GLU B 157 27.99 -0.22 0.44
CA GLU B 157 26.56 -0.55 0.57
C GLU B 157 26.15 -0.86 2.02
N VAL B 158 27.02 -1.54 2.77
CA VAL B 158 26.77 -1.81 4.20
C VAL B 158 26.77 -0.48 4.94
N ASN B 159 27.75 0.37 4.63
CA ASN B 159 27.78 1.71 5.24
C ASN B 159 26.54 2.49 4.96
N GLY B 160 26.04 2.39 3.73
CA GLY B 160 24.81 3.07 3.35
C GLY B 160 23.62 2.64 4.20
N CYS B 161 23.53 1.33 4.44
CA CYS B 161 22.41 0.77 5.25
C CYS B 161 22.52 1.27 6.70
N ILE B 162 23.74 1.28 7.23
CA ILE B 162 23.94 1.74 8.61
C ILE B 162 23.56 3.22 8.73
N ARG B 163 24.00 4.02 7.76
CA ARG B 163 23.64 5.44 7.73
C ARG B 163 22.13 5.63 7.70
N LEU B 164 21.45 4.82 6.90
CA LEU B 164 19.99 4.90 6.78
C LEU B 164 19.27 4.64 8.10
N VAL B 165 19.76 3.64 8.84
CA VAL B 165 19.21 3.31 10.16
C VAL B 165 19.27 4.52 11.08
N TYR B 166 20.47 5.08 11.25
CA TYR B 166 20.58 6.24 12.18
C TYR B 166 19.84 7.46 11.69
N ASP B 167 19.84 7.68 10.36
CA ASP B 167 19.08 8.78 9.73
C ASP B 167 17.59 8.62 10.07
N MET B 168 17.01 7.46 9.74
CA MET B 168 15.57 7.27 10.05
C MET B 168 15.27 7.30 11.54
N TYR B 169 16.14 6.68 12.35
CA TYR B 169 15.90 6.61 13.78
C TYR B 169 15.97 8.02 14.44
N SER B 170 16.75 8.93 13.86
CA SER B 170 16.81 10.30 14.42
C SER B 170 15.48 11.04 14.38
N THR B 171 14.66 10.74 13.38
CA THR B 171 13.28 11.29 13.31
C THR B 171 12.46 10.96 14.54
N PHE B 172 12.69 9.79 15.13
CA PHE B 172 11.88 9.31 16.24
C PHE B 172 12.51 9.62 17.57
N GLY B 173 13.80 9.94 17.51
CA GLY B 173 14.59 10.41 18.66
C GLY B 173 15.03 9.36 19.67
N PHE B 174 15.19 8.10 19.24
CA PHE B 174 15.53 7.01 20.17
C PHE B 174 16.87 7.24 20.86
N GLU B 175 16.86 7.22 22.21
CA GLU B 175 18.11 7.45 22.94
C GLU B 175 18.90 6.18 23.20
N LYS B 176 18.21 5.04 23.25
CA LYS B 176 18.87 3.74 23.49
C LYS B 176 18.75 2.86 22.24
N ILE B 177 19.89 2.72 21.54
CA ILE B 177 20.03 1.88 20.34
C ILE B 177 21.25 0.97 20.51
N VAL B 178 20.96 -0.31 20.77
CA VAL B 178 21.99 -1.26 21.16
C VAL B 178 22.25 -2.19 19.98
N VAL B 179 23.51 -2.29 19.57
CA VAL B 179 23.83 -3.03 18.35
C VAL B 179 24.48 -4.36 18.67
N LYS B 180 24.02 -5.41 17.99
CA LYS B 180 24.52 -6.77 18.16
C LYS B 180 25.03 -7.25 16.81
N LEU B 181 26.02 -8.12 16.85
CA LEU B 181 26.50 -8.79 15.68
C LEU B 181 26.33 -10.29 15.93
N SER B 182 25.42 -10.88 15.17
CA SER B 182 24.97 -12.24 15.37
C SER B 182 25.67 -13.13 14.38
N THR B 183 26.41 -14.09 14.91
CA THR B 183 27.34 -14.89 14.13
C THR B 183 26.76 -16.28 13.78
N ARG B 184 27.58 -17.08 13.09
CA ARG B 184 27.11 -18.32 12.43
C ARG B 184 26.29 -19.23 13.35
N PRO B 185 25.04 -19.54 12.94
CA PRO B 185 24.23 -20.44 13.73
C PRO B 185 24.58 -21.90 13.43
N GLU B 186 24.08 -22.77 14.30
CA GLU B 186 24.34 -24.20 14.18
C GLU B 186 23.92 -24.79 12.81
N LYS B 187 22.73 -24.42 12.32
CA LYS B 187 22.25 -24.84 10.99
C LYS B 187 22.48 -23.70 10.01
N ARG B 188 23.34 -23.90 9.02
CA ARG B 188 23.60 -22.80 8.09
C ARG B 188 24.02 -23.29 6.73
N ILE B 189 24.09 -22.37 5.76
CA ILE B 189 24.62 -22.67 4.44
C ILE B 189 25.83 -21.78 4.21
N GLY B 190 26.69 -22.21 3.29
CA GLY B 190 27.92 -21.47 3.01
C GLY B 190 29.09 -22.05 3.79
N SER B 191 30.28 -21.87 3.23
CA SER B 191 31.47 -22.47 3.81
C SER B 191 31.90 -21.66 5.02
N ASP B 192 32.68 -22.31 5.91
CA ASP B 192 33.24 -21.62 7.07
C ASP B 192 34.05 -20.40 6.64
N GLU B 193 34.72 -20.51 5.48
CA GLU B 193 35.53 -19.41 4.95
C GLU B 193 34.65 -18.21 4.55
N MET B 194 33.52 -18.50 3.91
CA MET B 194 32.54 -17.47 3.59
C MET B 194 32.08 -16.77 4.88
N TRP B 195 31.77 -17.55 5.93
CA TRP B 195 31.32 -16.99 7.20
C TRP B 195 32.39 -16.14 7.88
N ASP B 196 33.66 -16.55 7.79
CA ASP B 196 34.76 -15.76 8.34
C ASP B 196 34.80 -14.37 7.71
N ARG B 197 34.67 -14.32 6.39
CA ARG B 197 34.71 -13.08 5.61
C ARG B 197 33.50 -12.20 5.90
N ALA B 198 32.31 -12.80 5.91
CA ALA B 198 31.09 -12.03 6.11
C ALA B 198 31.05 -11.45 7.54
N GLU B 199 31.42 -12.24 8.54
CA GLU B 199 31.45 -11.75 9.92
C GLU B 199 32.49 -10.61 10.09
N ALA B 200 33.66 -10.77 9.47
CA ALA B 200 34.68 -9.74 9.54
C ALA B 200 34.22 -8.46 8.84
N ASP B 201 33.52 -8.57 7.70
CA ASP B 201 33.11 -7.40 6.92
C ASP B 201 32.11 -6.59 7.75
N LEU B 202 31.25 -7.28 8.47
CA LEU B 202 30.30 -6.58 9.30
C LEU B 202 30.94 -5.95 10.53
N ALA B 203 31.85 -6.69 11.21
CA ALA B 203 32.49 -6.20 12.40
C ALA B 203 33.28 -4.94 12.02
N VAL B 204 34.00 -5.03 10.91
CA VAL B 204 34.76 -3.91 10.43
C VAL B 204 33.87 -2.72 10.05
N ALA B 205 32.73 -2.97 9.42
CA ALA B 205 31.80 -1.89 9.12
C ALA B 205 31.31 -1.22 10.41
N LEU B 206 31.00 -2.01 11.45
CA LEU B 206 30.57 -1.37 12.71
C LEU B 206 31.66 -0.48 13.31
N GLU B 207 32.88 -0.97 13.33
CA GLU B 207 33.95 -0.18 13.94
C GLU B 207 34.28 1.06 13.14
N GLU B 208 34.20 0.96 11.82
CA GLU B 208 34.42 2.14 10.95
C GLU B 208 33.36 3.20 11.17
N ASN B 209 32.16 2.78 11.52
CA ASN B 209 31.11 3.72 11.81
C ASN B 209 31.07 4.11 13.26
N ASN B 210 32.10 3.73 14.04
CA ASN B 210 32.24 4.08 15.43
C ASN B 210 31.13 3.51 16.32
N ILE B 211 30.57 2.36 15.94
CA ILE B 211 29.46 1.77 16.70
C ILE B 211 29.94 0.68 17.65
N PRO B 212 29.74 0.88 18.96
CA PRO B 212 30.06 -0.20 19.88
C PRO B 212 28.99 -1.26 19.73
N PHE B 213 29.41 -2.50 19.75
CA PHE B 213 28.47 -3.61 19.56
C PHE B 213 28.89 -4.77 20.43
N GLU B 214 27.94 -5.69 20.69
CA GLU B 214 28.22 -6.91 21.41
C GLU B 214 27.98 -8.10 20.48
N TYR B 215 28.75 -9.16 20.62
CA TYR B 215 28.43 -10.37 19.86
C TYR B 215 27.21 -11.08 20.42
N GLN B 216 26.45 -11.69 19.50
CA GLN B 216 25.41 -12.63 19.83
C GLN B 216 25.82 -13.89 19.09
N LEU B 217 26.61 -14.72 19.79
CA LEU B 217 27.16 -15.92 19.17
C LEU B 217 26.06 -16.91 18.78
N GLY B 218 26.15 -17.42 17.55
CA GLY B 218 25.20 -18.43 17.05
C GLY B 218 23.82 -17.93 16.64
N GLU B 219 23.59 -16.60 16.61
CA GLU B 219 22.23 -16.07 16.37
C GLU B 219 22.04 -15.49 14.97
N GLY B 220 23.04 -15.64 14.12
CA GLY B 220 22.94 -15.17 12.72
C GLY B 220 21.86 -15.92 11.93
N ALA B 221 21.54 -15.43 10.73
CA ALA B 221 20.53 -16.11 9.88
C ALA B 221 21.22 -17.34 9.27
N PHE B 222 20.44 -18.29 8.74
CA PHE B 222 21.02 -19.50 8.15
C PHE B 222 21.87 -19.16 6.93
N TYR B 223 21.55 -18.03 6.29
CA TYR B 223 22.29 -17.58 5.05
C TYR B 223 23.42 -16.58 5.32
N GLY B 224 23.49 -16.02 6.53
CA GLY B 224 24.53 -15.01 6.79
C GLY B 224 24.43 -14.29 8.14
N PRO B 225 25.52 -13.63 8.54
CA PRO B 225 25.53 -12.92 9.83
C PRO B 225 24.71 -11.65 9.75
N LYS B 226 24.30 -11.17 10.92
CA LYS B 226 23.34 -10.10 11.05
C LYS B 226 23.90 -9.04 11.98
N ILE B 227 23.90 -7.79 11.52
CA ILE B 227 23.88 -6.66 12.47
C ILE B 227 22.42 -6.46 12.92
N GLU B 228 22.19 -6.27 14.22
CA GLU B 228 20.82 -6.03 14.71
C GLU B 228 20.80 -4.74 15.50
N PHE B 229 19.88 -3.86 15.17
CA PHE B 229 19.65 -2.63 15.92
C PHE B 229 18.48 -2.87 16.84
N THR B 230 18.80 -2.91 18.13
CA THR B 230 17.84 -3.30 19.15
C THR B 230 17.22 -2.09 19.79
N LEU B 231 15.90 -2.07 19.87
CA LEU B 231 15.18 -1.02 20.63
C LEU B 231 14.46 -1.68 21.81
N TYR B 232 14.10 -0.85 22.80
CA TYR B 232 13.64 -1.30 24.13
C TYR B 232 12.26 -0.77 24.43
N ASP B 233 11.37 -1.67 24.91
CA ASP B 233 10.02 -1.24 25.26
C ASP B 233 9.97 -0.71 26.71
N CYS B 234 8.75 -0.40 27.18
CA CYS B 234 8.59 0.31 28.46
C CYS B 234 9.15 -0.51 29.62
N LEU B 235 9.23 -1.83 29.44
CA LEU B 235 9.75 -2.71 30.49
C LEU B 235 11.22 -3.07 30.26
N ASP B 236 11.85 -2.33 29.33
CA ASP B 236 13.24 -2.56 28.91
C ASP B 236 13.48 -3.96 28.31
N ARG B 237 12.46 -4.56 27.67
CA ARG B 237 12.65 -5.81 26.88
C ARG B 237 13.25 -5.43 25.51
N ALA B 238 14.19 -6.24 25.02
CA ALA B 238 14.91 -5.98 23.77
C ALA B 238 14.14 -6.53 22.58
N TRP B 239 14.07 -5.73 21.51
CA TRP B 239 13.38 -6.14 20.30
C TRP B 239 14.20 -5.82 19.09
N GLN B 240 14.45 -6.81 18.25
CA GLN B 240 15.22 -6.53 17.05
C GLN B 240 14.36 -5.64 16.11
N CYS B 241 14.91 -4.51 15.67
CA CYS B 241 14.21 -3.65 14.73
C CYS B 241 15.03 -3.63 13.46
N GLY B 242 15.93 -2.66 13.34
CA GLY B 242 16.84 -2.59 12.16
C GLY B 242 17.71 -3.82 12.05
N THR B 243 18.03 -4.26 10.83
CA THR B 243 19.03 -5.35 10.70
C THR B 243 19.69 -5.26 9.33
N VAL B 244 20.98 -5.61 9.29
CA VAL B 244 21.77 -5.55 8.04
C VAL B 244 22.54 -6.86 8.00
N GLN B 245 22.37 -7.60 6.90
CA GLN B 245 22.87 -8.97 6.82
C GLN B 245 23.61 -9.17 5.50
N LEU B 246 24.66 -9.98 5.56
CA LEU B 246 25.52 -10.17 4.41
C LEU B 246 25.46 -11.62 3.92
N ASP B 247 24.99 -11.81 2.68
CA ASP B 247 24.63 -13.13 2.15
C ASP B 247 25.46 -13.45 0.91
N PHE B 248 26.40 -14.40 1.06
CA PHE B 248 27.13 -14.92 -0.09
C PHE B 248 26.58 -16.26 -0.62
N SER B 249 25.36 -16.64 -0.22
CA SER B 249 24.84 -17.97 -0.55
C SER B 249 23.53 -18.06 -1.32
N LEU B 250 22.53 -17.27 -0.95
CA LEU B 250 21.21 -17.41 -1.60
C LEU B 250 21.22 -17.11 -3.10
N PRO B 251 21.90 -16.03 -3.51
CA PRO B 251 21.88 -15.72 -4.95
C PRO B 251 22.39 -16.89 -5.79
N SER B 252 23.49 -17.51 -5.37
CA SER B 252 24.02 -18.69 -6.06
C SER B 252 22.97 -19.82 -6.09
N ARG B 253 22.31 -20.07 -4.96
CA ARG B 253 21.33 -21.15 -4.91
C ARG B 253 20.15 -20.89 -5.84
N LEU B 254 19.91 -19.62 -6.15
CA LEU B 254 18.81 -19.26 -7.04
C LEU B 254 19.23 -18.82 -8.45
N SER B 255 20.47 -19.18 -8.81
CA SER B 255 20.98 -18.91 -10.17
C SER B 255 21.04 -17.41 -10.57
N ALA B 256 21.30 -16.53 -9.61
CA ALA B 256 21.47 -15.12 -9.96
C ALA B 256 22.90 -14.91 -10.50
N SER B 257 23.01 -14.13 -11.57
CA SER B 257 24.35 -13.73 -12.07
C SER B 257 24.24 -12.41 -12.83
N TYR B 258 25.40 -11.84 -13.15
CA TYR B 258 25.50 -10.61 -13.96
C TYR B 258 26.85 -10.67 -14.67
N VAL B 259 26.94 -9.88 -15.73
CA VAL B 259 28.19 -9.75 -16.52
C VAL B 259 29.01 -8.62 -15.90
N GLY B 260 30.20 -8.96 -15.40
CA GLY B 260 31.06 -7.98 -14.71
C GLY B 260 31.75 -7.01 -15.66
N GLU B 261 32.27 -5.92 -15.11
CA GLU B 261 33.03 -4.89 -15.86
C GLU B 261 34.18 -5.51 -16.66
N ASP B 262 34.73 -6.59 -16.10
CA ASP B 262 35.81 -7.34 -16.73
C ASP B 262 35.33 -8.56 -17.55
N ASN B 263 34.01 -8.61 -17.83
CA ASN B 263 33.40 -9.65 -18.70
C ASN B 263 33.18 -11.05 -18.11
N GLU B 264 33.73 -11.27 -16.91
CA GLU B 264 33.50 -12.50 -16.20
C GLU B 264 32.11 -12.46 -15.56
N ARG B 265 31.26 -13.42 -15.93
CA ARG B 265 29.95 -13.61 -15.29
C ARG B 265 30.15 -14.05 -13.83
N LYS B 266 29.49 -13.34 -12.90
CA LYS B 266 29.65 -13.61 -11.47
C LYS B 266 28.31 -13.62 -10.82
N VAL B 267 28.28 -14.21 -9.61
CA VAL B 267 27.13 -14.16 -8.74
C VAL B 267 27.17 -12.85 -7.94
N PRO B 268 26.03 -12.12 -7.87
CA PRO B 268 26.06 -10.92 -7.02
C PRO B 268 26.06 -11.26 -5.53
N VAL B 269 26.68 -10.40 -4.74
CA VAL B 269 26.57 -10.45 -3.28
C VAL B 269 25.18 -9.90 -2.99
N MET B 270 24.53 -10.37 -1.93
CA MET B 270 23.25 -9.77 -1.55
C MET B 270 23.30 -9.27 -0.11
N ILE B 271 22.95 -8.01 0.10
CA ILE B 271 22.77 -7.48 1.45
C ILE B 271 21.28 -7.46 1.71
N HIS B 272 20.88 -7.99 2.86
CA HIS B 272 19.47 -7.94 3.25
C HIS B 272 19.42 -6.88 4.27
N ARG B 273 18.40 -6.04 4.24
CA ARG B 273 18.22 -5.13 5.39
C ARG B 273 16.78 -4.69 5.61
N ALA B 274 16.44 -4.43 6.87
CA ALA B 274 15.16 -3.76 7.22
C ALA B 274 15.55 -2.61 8.12
N ILE B 275 14.92 -1.45 7.98
CA ILE B 275 15.33 -0.32 8.81
C ILE B 275 14.42 -0.26 10.04
N LEU B 276 13.12 -0.16 9.82
CA LEU B 276 12.18 -0.24 10.97
C LEU B 276 12.13 -1.64 11.56
N GLY B 277 12.22 -2.68 10.73
CA GLY B 277 12.10 -4.05 11.22
C GLY B 277 10.82 -4.66 10.66
N SER B 278 9.77 -4.65 11.46
CA SER B 278 8.41 -4.81 10.93
C SER B 278 7.64 -3.55 11.26
N MET B 279 6.63 -3.24 10.44
CA MET B 279 5.82 -2.05 10.74
C MET B 279 5.08 -2.20 12.09
N GLU B 280 4.58 -3.41 12.32
CA GLU B 280 3.81 -3.73 13.55
C GLU B 280 4.68 -3.52 14.78
N ARG B 281 5.85 -4.17 14.79
CA ARG B 281 6.78 -4.07 15.95
C ARG B 281 7.19 -2.61 16.16
N PHE B 282 7.50 -1.92 15.05
CA PHE B 282 7.93 -0.51 15.15
C PHE B 282 6.81 0.39 15.70
N ILE B 283 5.57 0.14 15.27
CA ILE B 283 4.44 0.90 15.81
C ILE B 283 4.26 0.56 17.31
N GLY B 284 4.47 -0.70 17.68
CA GLY B 284 4.39 -1.09 19.11
C GLY B 284 5.43 -0.28 19.90
N ILE B 285 6.64 -0.22 19.37
CA ILE B 285 7.71 0.55 20.02
C ILE B 285 7.35 2.06 20.10
N LEU B 286 6.90 2.62 18.98
CA LEU B 286 6.57 4.06 18.97
C LEU B 286 5.46 4.38 19.96
N THR B 287 4.49 3.48 20.05
CA THR B 287 3.33 3.70 20.92
C THR B 287 3.79 3.81 22.38
N GLU B 288 4.73 2.95 22.76
CA GLU B 288 5.29 3.03 24.12
C GLU B 288 6.22 4.21 24.30
N GLU B 289 7.07 4.46 23.30
CA GLU B 289 8.05 5.58 23.34
C GLU B 289 7.34 6.93 23.57
N PHE B 290 6.20 7.14 22.89
CA PHE B 290 5.45 8.40 22.98
C PHE B 290 4.26 8.32 23.95
N ALA B 291 4.01 7.14 24.51
CA ALA B 291 2.84 6.87 25.35
C ALA B 291 1.52 7.29 24.66
N GLY B 292 1.44 7.04 23.37
CA GLY B 292 0.26 7.41 22.59
C GLY B 292 0.17 8.86 22.15
N PHE B 293 1.13 9.70 22.59
CA PHE B 293 1.19 11.12 22.17
C PHE B 293 2.09 11.17 20.91
N PHE B 294 1.55 10.66 19.79
CA PHE B 294 2.31 10.65 18.53
C PHE B 294 2.64 12.05 18.06
N PRO B 295 3.85 12.24 17.50
CA PRO B 295 4.16 13.54 16.92
C PRO B 295 3.13 13.83 15.84
N THR B 296 2.92 15.11 15.57
CA THR B 296 1.81 15.52 14.73
C THR B 296 1.76 14.79 13.39
N TRP B 297 2.90 14.61 12.75
CA TRP B 297 2.87 13.99 11.44
C TRP B 297 2.35 12.57 11.43
N LEU B 298 2.48 11.88 12.59
CA LEU B 298 2.01 10.50 12.76
C LEU B 298 0.64 10.39 13.41
N ALA B 299 0.14 11.48 14.00
CA ALA B 299 -1.10 11.43 14.76
C ALA B 299 -2.32 11.04 13.88
N PRO B 300 -3.13 10.03 14.29
CA PRO B 300 -4.24 9.60 13.40
C PRO B 300 -5.15 10.77 13.00
N VAL B 301 -5.51 11.59 13.99
CA VAL B 301 -6.27 12.81 13.78
C VAL B 301 -5.42 13.94 14.33
N GLN B 302 -5.09 14.91 13.49
CA GLN B 302 -4.13 15.97 13.89
C GLN B 302 -4.88 17.13 14.55
N VAL B 303 -6.10 17.41 14.09
CA VAL B 303 -6.84 18.59 14.58
C VAL B 303 -8.31 18.22 14.71
N VAL B 304 -8.93 18.63 15.81
CA VAL B 304 -10.38 18.58 15.88
C VAL B 304 -10.86 20.02 16.07
N ILE B 305 -11.87 20.40 15.30
CA ILE B 305 -12.44 21.74 15.43
C ILE B 305 -13.86 21.60 16.03
N MET B 306 -14.14 22.40 17.06
CA MET B 306 -15.39 22.30 17.80
C MET B 306 -16.10 23.66 17.84
N ASN B 307 -17.43 23.59 17.72
CA ASN B 307 -18.25 24.74 18.04
C ASN B 307 -18.70 24.68 19.49
N ILE B 308 -19.08 25.85 20.01
CA ILE B 308 -19.64 25.94 21.35
C ILE B 308 -21.16 25.72 21.30
N THR B 309 -21.84 26.37 20.35
CA THR B 309 -23.25 26.12 20.03
C THR B 309 -23.39 26.09 18.52
N ASP B 310 -24.58 25.78 18.01
CA ASP B 310 -24.74 25.73 16.56
C ASP B 310 -24.62 27.11 15.87
N SER B 311 -24.55 28.20 16.64
CA SER B 311 -24.22 29.52 16.07
C SER B 311 -22.91 29.48 15.28
N GLN B 312 -21.95 28.63 15.72
CA GLN B 312 -20.67 28.53 15.04
C GLN B 312 -20.47 27.27 14.17
N SER B 313 -21.55 26.52 13.92
CA SER B 313 -21.50 25.31 13.06
C SER B 313 -20.95 25.56 11.68
N GLU B 314 -21.49 26.60 11.03
CA GLU B 314 -21.14 26.90 9.65
C GLU B 314 -19.66 27.29 9.56
N TYR B 315 -19.22 28.14 10.48
CA TYR B 315 -17.81 28.55 10.57
C TYR B 315 -16.87 27.35 10.78
N VAL B 316 -17.26 26.46 11.71
CA VAL B 316 -16.50 25.19 11.91
C VAL B 316 -16.39 24.33 10.65
N ASN B 317 -17.49 24.18 9.93
CA ASN B 317 -17.48 23.40 8.69
C ASN B 317 -16.53 24.03 7.67
N GLU B 318 -16.61 25.37 7.54
CA GLU B 318 -15.74 26.11 6.62
C GLU B 318 -14.23 25.90 6.95
N LEU B 319 -13.88 25.98 8.24
CA LEU B 319 -12.47 25.82 8.67
C LEU B 319 -12.02 24.39 8.47
N THR B 320 -12.92 23.45 8.73
CA THR B 320 -12.62 22.02 8.57
C THR B 320 -12.26 21.73 7.10
N GLN B 321 -13.08 22.25 6.18
CA GLN B 321 -12.80 22.02 4.76
C GLN B 321 -11.47 22.72 4.37
N LYS B 322 -11.24 23.94 4.91
CA LYS B 322 -10.03 24.72 4.64
C LYS B 322 -8.79 23.94 5.11
N LEU B 323 -8.85 23.43 6.34
CA LEU B 323 -7.74 22.60 6.86
C LEU B 323 -7.53 21.29 6.10
N SER B 324 -8.63 20.59 5.82
CA SER B 324 -8.56 19.36 5.05
C SER B 324 -7.94 19.56 3.66
N ASN B 325 -8.33 20.64 2.98
CA ASN B 325 -7.73 20.99 1.66
C ASN B 325 -6.24 21.33 1.74
N ALA B 326 -5.81 21.80 2.92
CA ALA B 326 -4.42 22.08 3.21
C ALA B 326 -3.62 20.82 3.53
N GLY B 327 -4.25 19.66 3.52
CA GLY B 327 -3.57 18.39 3.77
C GLY B 327 -3.52 17.97 5.23
N ILE B 328 -4.33 18.62 6.06
CA ILE B 328 -4.34 18.28 7.48
C ILE B 328 -5.42 17.26 7.77
N ARG B 329 -5.11 16.28 8.63
CA ARG B 329 -6.13 15.32 9.08
C ARG B 329 -6.95 15.98 10.18
N VAL B 330 -8.13 16.44 9.81
CA VAL B 330 -8.96 17.30 10.66
C VAL B 330 -10.38 16.75 10.70
N LYS B 331 -11.03 16.86 11.86
CA LYS B 331 -12.45 16.47 11.99
C LYS B 331 -13.17 17.59 12.67
N ALA B 332 -14.46 17.76 12.34
CA ALA B 332 -15.35 18.67 13.02
C ALA B 332 -16.13 17.90 14.07
N ASP B 333 -16.33 18.52 15.23
CA ASP B 333 -17.11 17.94 16.29
C ASP B 333 -18.24 18.91 16.56
N LEU B 334 -19.38 18.65 15.94
CA LEU B 334 -20.53 19.53 15.99
C LEU B 334 -21.61 18.99 16.92
N ARG B 335 -21.25 18.04 17.80
CA ARG B 335 -22.23 17.40 18.66
C ARG B 335 -22.89 18.38 19.60
N ASN B 336 -24.12 18.07 19.98
CA ASN B 336 -24.82 18.87 20.96
C ASN B 336 -24.34 18.48 22.37
N GLU B 337 -23.08 18.81 22.66
CA GLU B 337 -22.45 18.50 23.95
C GLU B 337 -21.71 19.77 24.43
N LYS B 338 -21.51 19.88 25.74
CA LYS B 338 -20.81 21.02 26.29
C LYS B 338 -19.38 21.06 25.75
N ILE B 339 -18.89 22.26 25.49
CA ILE B 339 -17.51 22.42 24.94
C ILE B 339 -16.45 21.71 25.80
N GLY B 340 -16.61 21.75 27.12
CA GLY B 340 -15.67 21.07 28.03
C GLY B 340 -15.72 19.56 28.01
N PHE B 341 -16.89 19.01 27.64
CA PHE B 341 -17.04 17.59 27.36
C PHE B 341 -16.29 17.20 26.06
N LYS B 342 -16.51 17.96 24.99
CA LYS B 342 -15.83 17.72 23.71
C LYS B 342 -14.30 17.77 23.86
N ILE B 343 -13.80 18.83 24.50
CA ILE B 343 -12.35 19.02 24.66
C ILE B 343 -11.75 17.82 25.37
N ARG B 344 -12.41 17.36 26.45
CA ARG B 344 -11.85 16.27 27.21
C ARG B 344 -11.75 14.98 26.37
N GLU B 345 -12.79 14.67 25.58
CA GLU B 345 -12.75 13.51 24.70
C GLU B 345 -11.52 13.53 23.74
N HIS B 346 -11.30 14.66 23.08
CA HIS B 346 -10.21 14.75 22.11
C HIS B 346 -8.87 14.79 22.73
N THR B 347 -8.81 15.40 23.93
CA THR B 347 -7.58 15.35 24.75
C THR B 347 -7.18 13.92 25.12
N LEU B 348 -8.15 13.13 25.59
CA LEU B 348 -7.91 11.75 25.98
C LEU B 348 -7.55 10.92 24.77
N ARG B 349 -8.04 11.32 23.61
CA ARG B 349 -7.69 10.67 22.35
C ARG B 349 -6.32 11.09 21.81
N ARG B 350 -5.65 12.01 22.50
CA ARG B 350 -4.30 12.51 22.13
C ARG B 350 -4.26 13.20 20.78
N VAL B 351 -5.34 13.89 20.42
CA VAL B 351 -5.32 14.79 19.25
C VAL B 351 -4.39 15.97 19.56
N PRO B 352 -3.37 16.20 18.71
CA PRO B 352 -2.38 17.25 19.01
C PRO B 352 -3.00 18.62 19.23
N TYR B 353 -3.94 19.00 18.37
CA TYR B 353 -4.49 20.37 18.45
C TYR B 353 -6.01 20.38 18.43
N MET B 354 -6.57 21.23 19.28
CA MET B 354 -8.01 21.43 19.34
C MET B 354 -8.34 22.90 19.10
N LEU B 355 -9.24 23.15 18.16
CA LEU B 355 -9.63 24.50 17.78
C LEU B 355 -11.04 24.70 18.25
N VAL B 356 -11.23 25.76 19.04
CA VAL B 356 -12.54 26.07 19.61
C VAL B 356 -13.04 27.37 18.98
N CYS B 357 -14.28 27.34 18.48
CA CYS B 357 -14.88 28.49 17.85
C CYS B 357 -16.12 28.90 18.65
N GLY B 358 -16.03 30.04 19.29
CA GLY B 358 -17.21 30.74 19.81
C GLY B 358 -17.49 31.96 18.95
N ASP B 359 -18.40 32.83 19.38
CA ASP B 359 -18.79 33.98 18.58
C ASP B 359 -17.63 34.93 18.30
N LYS B 360 -16.76 35.10 19.28
CA LYS B 360 -15.62 36.00 19.16
C LYS B 360 -14.72 35.55 18.00
N GLU B 361 -14.54 34.24 17.90
CA GLU B 361 -13.76 33.61 16.81
C GLU B 361 -14.42 33.79 15.44
N VAL B 362 -15.72 33.57 15.36
CA VAL B 362 -16.45 33.79 14.10
C VAL B 362 -16.24 35.24 13.63
N GLU B 363 -16.53 36.21 14.49
CA GLU B 363 -16.40 37.64 14.14
C GLU B 363 -15.03 37.98 13.58
N SER B 364 -13.98 37.48 14.23
CA SER B 364 -12.61 37.87 13.91
C SER B 364 -11.93 37.01 12.87
N GLY B 365 -12.56 35.90 12.50
CA GLY B 365 -11.92 34.93 11.62
C GLY B 365 -10.70 34.29 12.27
N LYS B 366 -10.73 34.15 13.58
CA LYS B 366 -9.64 33.50 14.33
C LYS B 366 -10.13 32.16 14.90
N VAL B 367 -9.25 31.45 15.61
CA VAL B 367 -9.63 30.24 16.35
C VAL B 367 -8.88 30.21 17.67
N ALA B 368 -9.52 29.67 18.71
CA ALA B 368 -8.90 29.49 20.01
C ALA B 368 -8.22 28.14 19.97
N VAL B 369 -6.92 28.12 20.22
CA VAL B 369 -6.15 26.90 20.07
C VAL B 369 -5.65 26.34 21.39
N ARG B 370 -5.90 25.04 21.60
CA ARG B 370 -5.31 24.35 22.72
C ARG B 370 -4.75 22.99 22.34
N THR B 371 -3.96 22.42 23.23
CA THR B 371 -3.31 21.13 22.91
C THR B 371 -3.73 20.00 23.86
N ARG B 372 -3.37 18.77 23.46
CA ARG B 372 -3.65 17.57 24.19
C ARG B 372 -2.83 17.51 25.48
N ARG B 373 -1.82 18.38 25.63
CA ARG B 373 -1.07 18.51 26.91
C ARG B 373 -1.67 19.58 27.82
N GLY B 374 -2.81 20.14 27.42
CA GLY B 374 -3.47 21.22 28.17
C GLY B 374 -2.88 22.61 27.97
N LYS B 375 -1.98 22.78 27.01
CA LYS B 375 -1.48 24.12 26.72
C LYS B 375 -2.54 24.96 26.01
N ASP B 376 -2.63 26.22 26.39
CA ASP B 376 -3.60 27.15 25.80
C ASP B 376 -2.81 28.17 24.98
N LEU B 377 -2.92 28.07 23.65
CA LEU B 377 -2.19 28.95 22.72
C LEU B 377 -3.01 30.21 22.36
N GLY B 378 -4.20 30.33 22.91
CA GLY B 378 -5.03 31.56 22.79
C GLY B 378 -5.58 31.68 21.38
N SER B 379 -5.98 32.90 20.99
CA SER B 379 -6.55 33.16 19.65
C SER B 379 -5.46 33.26 18.61
N MET B 380 -5.63 32.53 17.50
CA MET B 380 -4.64 32.52 16.44
C MET B 380 -5.36 32.76 15.12
N ASP B 381 -4.70 33.40 14.17
CA ASP B 381 -5.35 33.59 12.88
C ASP B 381 -5.24 32.25 12.13
N VAL B 382 -6.23 32.00 11.31
CA VAL B 382 -6.39 30.67 10.70
C VAL B 382 -5.25 30.30 9.75
N ASN B 383 -4.80 31.23 8.92
CA ASN B 383 -3.71 30.91 8.01
C ASN B 383 -2.42 30.59 8.75
N GLU B 384 -2.17 31.28 9.86
CA GLU B 384 -0.99 30.98 10.68
C GLU B 384 -1.08 29.58 11.31
N VAL B 385 -2.24 29.15 11.81
CA VAL B 385 -2.31 27.75 12.30
C VAL B 385 -2.06 26.77 11.17
N ILE B 386 -2.65 27.02 9.99
CA ILE B 386 -2.43 26.16 8.81
C ILE B 386 -0.94 26.08 8.47
N GLU B 387 -0.30 27.25 8.38
CA GLU B 387 1.11 27.32 7.97
C GLU B 387 2.03 26.64 8.97
N LYS B 388 1.81 26.87 10.27
CA LYS B 388 2.54 26.19 11.35
C LYS B 388 2.34 24.66 11.33
N LEU B 389 1.09 24.22 11.17
CA LEU B 389 0.82 22.79 11.06
C LEU B 389 1.53 22.14 9.88
N GLN B 390 1.38 22.74 8.70
CA GLN B 390 2.05 22.23 7.50
C GLN B 390 3.54 22.15 7.68
N GLN B 391 4.11 23.14 8.35
CA GLN B 391 5.55 23.17 8.57
C GLN B 391 5.98 22.02 9.48
N GLU B 392 5.24 21.83 10.57
CA GLU B 392 5.56 20.77 11.51
C GLU B 392 5.33 19.35 10.97
N ILE B 393 4.32 19.22 10.13
CA ILE B 393 4.08 17.96 9.38
C ILE B 393 5.19 17.65 8.38
N ARG B 394 5.46 18.60 7.49
CA ARG B 394 6.48 18.46 6.46
C ARG B 394 7.85 18.17 7.09
N SER B 395 8.17 18.85 8.20
CA SER B 395 9.47 18.62 8.85
C SER B 395 9.49 17.36 9.75
N ARG B 396 8.33 16.72 9.92
CA ARG B 396 8.21 15.55 10.79
C ARG B 396 8.82 15.84 12.18
N SER B 397 8.52 17.03 12.70
CA SER B 397 9.11 17.46 13.96
C SER B 397 8.76 16.53 15.13
N LEU B 398 9.83 16.19 15.84
CA LEU B 398 9.80 15.23 16.93
C LEU B 398 8.95 15.73 18.10
N LYS B 399 8.87 17.05 18.29
CA LYS B 399 7.94 17.64 19.26
C LYS B 399 7.42 19.00 18.78
N GLN B 400 6.41 19.55 19.46
CA GLN B 400 6.17 21.02 19.44
C GLN B 400 4.91 21.41 20.24
#